data_3CTV
# 
_entry.id   3CTV 
# 
_audit_conform.dict_name       mmcif_pdbx.dic 
_audit_conform.dict_version    5.399 
_audit_conform.dict_location   http://mmcif.pdb.org/dictionaries/ascii/mmcif_pdbx.dic 
# 
loop_
_database_2.database_id 
_database_2.database_code 
_database_2.pdbx_database_accession 
_database_2.pdbx_DOI 
PDB   3CTV         pdb_00003ctv 10.2210/pdb3ctv/pdb 
RCSB  RCSB047202   ?            ?                   
WWPDB D_1000047202 ?            ?                   
# 
loop_
_pdbx_audit_revision_history.ordinal 
_pdbx_audit_revision_history.data_content_type 
_pdbx_audit_revision_history.major_revision 
_pdbx_audit_revision_history.minor_revision 
_pdbx_audit_revision_history.revision_date 
1 'Structure model' 1 0 2008-04-29 
2 'Structure model' 1 1 2011-07-13 
3 'Structure model' 1 2 2017-10-25 
4 'Structure model' 1 3 2019-07-24 
5 'Structure model' 1 4 2024-11-20 
# 
_pdbx_audit_revision_details.ordinal             1 
_pdbx_audit_revision_details.revision_ordinal    1 
_pdbx_audit_revision_details.data_content_type   'Structure model' 
_pdbx_audit_revision_details.provider            repository 
_pdbx_audit_revision_details.type                'Initial release' 
_pdbx_audit_revision_details.description         ? 
_pdbx_audit_revision_details.details             ? 
# 
loop_
_pdbx_audit_revision_group.ordinal 
_pdbx_audit_revision_group.revision_ordinal 
_pdbx_audit_revision_group.data_content_type 
_pdbx_audit_revision_group.group 
1 2 'Structure model' 'Version format compliance' 
2 3 'Structure model' 'Refinement description'    
3 4 'Structure model' 'Data collection'           
4 4 'Structure model' 'Derived calculations'      
5 4 'Structure model' 'Refinement description'    
6 5 'Structure model' 'Data collection'           
7 5 'Structure model' 'Database references'       
8 5 'Structure model' 'Derived calculations'      
9 5 'Structure model' 'Structure summary'         
# 
loop_
_pdbx_audit_revision_category.ordinal 
_pdbx_audit_revision_category.revision_ordinal 
_pdbx_audit_revision_category.data_content_type 
_pdbx_audit_revision_category.category 
1  3 'Structure model' software                  
2  4 'Structure model' software                  
3  4 'Structure model' struct_conn               
4  5 'Structure model' chem_comp_atom            
5  5 'Structure model' chem_comp_bond            
6  5 'Structure model' database_2                
7  5 'Structure model' pdbx_entry_details        
8  5 'Structure model' pdbx_modification_feature 
9  5 'Structure model' struct_ref_seq_dif        
10 5 'Structure model' struct_site               
# 
loop_
_pdbx_audit_revision_item.ordinal 
_pdbx_audit_revision_item.revision_ordinal 
_pdbx_audit_revision_item.data_content_type 
_pdbx_audit_revision_item.item 
1  4 'Structure model' '_software.classification'            
2  4 'Structure model' '_software.contact_author'            
3  4 'Structure model' '_software.contact_author_email'      
4  4 'Structure model' '_software.location'                  
5  4 'Structure model' '_software.name'                      
6  4 'Structure model' '_software.type'                      
7  4 'Structure model' '_struct_conn.pdbx_leaving_atom_flag' 
8  5 'Structure model' '_database_2.pdbx_DOI'                
9  5 'Structure model' '_database_2.pdbx_database_accession' 
10 5 'Structure model' '_struct_ref_seq_dif.details'         
11 5 'Structure model' '_struct_site.pdbx_auth_asym_id'      
12 5 'Structure model' '_struct_site.pdbx_auth_comp_id'      
13 5 'Structure model' '_struct_site.pdbx_auth_seq_id'       
# 
_pdbx_database_status.entry_id                        3CTV 
_pdbx_database_status.deposit_site                    RCSB 
_pdbx_database_status.process_site                    RCSB 
_pdbx_database_status.recvd_initial_deposition_date   2008-04-14 
_pdbx_database_status.status_code                     REL 
_pdbx_database_status.status_code_sf                  REL 
_pdbx_database_status.status_code_mr                  ? 
_pdbx_database_status.SG_entry                        Y 
_pdbx_database_status.pdb_format_compatible           Y 
_pdbx_database_status.status_code_cs                  ? 
_pdbx_database_status.methods_development_category    ? 
_pdbx_database_status.status_code_nmr_data            ? 
# 
loop_
_pdbx_database_related.db_name 
_pdbx_database_related.db_id 
_pdbx_database_related.details 
_pdbx_database_related.content_type 
TargetDB APC7539 .                                                         unspecified 
PDB      3HDH    'PIG HEART SHORT CHAIN L-3-HYDROXYACYL COA DEHYDROGENASE' unspecified 
# 
loop_
_audit_author.name 
_audit_author.pdbx_ordinal 
'Osipiuk, J.'                                   1 
'Evdokimova, E.'                                2 
'Kudritska, M.'                                 3 
'Savchenko, A.'                                 4 
'Edwards, A.M.'                                 5 
'Joachimiak, A.'                                6 
'Midwest Center for Structural Genomics (MCSG)' 7 
# 
_citation.id                        primary 
_citation.title                     
'X-ray crystal structure of central domain of 3-hydroxyacyl-CoA dehydrogenase from Archaeoglobus fulgidus.' 
_citation.journal_abbrev            'To be Published' 
_citation.journal_volume            ? 
_citation.page_first                ? 
_citation.page_last                 ? 
_citation.year                      ? 
_citation.journal_id_ASTM           ? 
_citation.country                   ? 
_citation.journal_id_ISSN           ? 
_citation.journal_id_CSD            0353 
_citation.book_publisher            ? 
_citation.pdbx_database_id_PubMed   ? 
_citation.pdbx_database_id_DOI      ? 
# 
loop_
_citation_author.citation_id 
_citation_author.name 
_citation_author.ordinal 
_citation_author.identifier_ORCID 
primary 'Osipiuk, J.'    1 ? 
primary 'Evdokimova, E.' 2 ? 
primary 'Kudritska, M.'  3 ? 
primary 'Savchenko, A.'  4 ? 
primary 'Edwards, A.M.'  5 ? 
primary 'Joachimiak, A.' 6 ? 
# 
loop_
_entity.id 
_entity.type 
_entity.src_method 
_entity.pdbx_description 
_entity.formula_weight 
_entity.pdbx_number_of_molecules 
_entity.pdbx_ec 
_entity.pdbx_mutation 
_entity.pdbx_fragment 
_entity.details 
1 polymer     man '3-hydroxyacyl-CoA dehydrogenase' 12168.692 1 ? ? 'Central domain: Residues 295-400' ? 
2 non-polymer syn 'SULFATE ION'                     96.063    1 ? ? ?                                  ? 
3 water       nat water                             18.015    3 ? ? ?                                  ? 
# 
_entity_name_com.entity_id   1 
_entity_name_com.name        Hbd-10 
# 
_entity_poly.entity_id                      1 
_entity_poly.type                           'polypeptide(L)' 
_entity_poly.nstd_linkage                   no 
_entity_poly.nstd_monomer                   yes 
_entity_poly.pdbx_seq_one_letter_code       
;GHSKGRPQIDSSKATDKINP(MSE)DFTFVEINEAVKLVE(MSE)GVATPQDIDTAIKLGLNRPFGPFELAKQFGAEQIA
KRLEELAKQFGKKIFEPAKTLKEGKLEELLKAGKAEGS
;
_entity_poly.pdbx_seq_one_letter_code_can   
;GHSKGRPQIDSSKATDKINPMDFTFVEINEAVKLVEMGVATPQDIDTAIKLGLNRPFGPFELAKQFGAEQIAKRLEELAK
QFGKKIFEPAKTLKEGKLEELLKAGKAEGS
;
_entity_poly.pdbx_strand_id                 A 
_entity_poly.pdbx_target_identifier         APC7539 
# 
loop_
_pdbx_entity_nonpoly.entity_id 
_pdbx_entity_nonpoly.name 
_pdbx_entity_nonpoly.comp_id 
2 'SULFATE ION' SO4 
3 water         HOH 
# 
loop_
_entity_poly_seq.entity_id 
_entity_poly_seq.num 
_entity_poly_seq.mon_id 
_entity_poly_seq.hetero 
1 1   GLY n 
1 2   HIS n 
1 3   SER n 
1 4   LYS n 
1 5   GLY n 
1 6   ARG n 
1 7   PRO n 
1 8   GLN n 
1 9   ILE n 
1 10  ASP n 
1 11  SER n 
1 12  SER n 
1 13  LYS n 
1 14  ALA n 
1 15  THR n 
1 16  ASP n 
1 17  LYS n 
1 18  ILE n 
1 19  ASN n 
1 20  PRO n 
1 21  MSE n 
1 22  ASP n 
1 23  PHE n 
1 24  THR n 
1 25  PHE n 
1 26  VAL n 
1 27  GLU n 
1 28  ILE n 
1 29  ASN n 
1 30  GLU n 
1 31  ALA n 
1 32  VAL n 
1 33  LYS n 
1 34  LEU n 
1 35  VAL n 
1 36  GLU n 
1 37  MSE n 
1 38  GLY n 
1 39  VAL n 
1 40  ALA n 
1 41  THR n 
1 42  PRO n 
1 43  GLN n 
1 44  ASP n 
1 45  ILE n 
1 46  ASP n 
1 47  THR n 
1 48  ALA n 
1 49  ILE n 
1 50  LYS n 
1 51  LEU n 
1 52  GLY n 
1 53  LEU n 
1 54  ASN n 
1 55  ARG n 
1 56  PRO n 
1 57  PHE n 
1 58  GLY n 
1 59  PRO n 
1 60  PHE n 
1 61  GLU n 
1 62  LEU n 
1 63  ALA n 
1 64  LYS n 
1 65  GLN n 
1 66  PHE n 
1 67  GLY n 
1 68  ALA n 
1 69  GLU n 
1 70  GLN n 
1 71  ILE n 
1 72  ALA n 
1 73  LYS n 
1 74  ARG n 
1 75  LEU n 
1 76  GLU n 
1 77  GLU n 
1 78  LEU n 
1 79  ALA n 
1 80  LYS n 
1 81  GLN n 
1 82  PHE n 
1 83  GLY n 
1 84  LYS n 
1 85  LYS n 
1 86  ILE n 
1 87  PHE n 
1 88  GLU n 
1 89  PRO n 
1 90  ALA n 
1 91  LYS n 
1 92  THR n 
1 93  LEU n 
1 94  LYS n 
1 95  GLU n 
1 96  GLY n 
1 97  LYS n 
1 98  LEU n 
1 99  GLU n 
1 100 GLU n 
1 101 LEU n 
1 102 LEU n 
1 103 LYS n 
1 104 ALA n 
1 105 GLY n 
1 106 LYS n 
1 107 ALA n 
1 108 GLU n 
1 109 GLY n 
1 110 SER n 
# 
_entity_src_gen.entity_id                          1 
_entity_src_gen.pdbx_src_id                        1 
_entity_src_gen.pdbx_alt_source_flag               sample 
_entity_src_gen.pdbx_seq_type                      ? 
_entity_src_gen.pdbx_beg_seq_num                   ? 
_entity_src_gen.pdbx_end_seq_num                   ? 
_entity_src_gen.gene_src_common_name               ? 
_entity_src_gen.gene_src_genus                     Archaeoglobus 
_entity_src_gen.pdbx_gene_src_gene                 AF_2273 
_entity_src_gen.gene_src_species                   'Archaeoglobus fulgidus' 
_entity_src_gen.gene_src_strain                    'DSM 4304 / VC-16 / JCM 9628 / NBRC 100126' 
_entity_src_gen.gene_src_tissue                    ? 
_entity_src_gen.gene_src_tissue_fraction           ? 
_entity_src_gen.gene_src_details                   ? 
_entity_src_gen.pdbx_gene_src_fragment             ? 
_entity_src_gen.pdbx_gene_src_scientific_name      'Archaeoglobus fulgidus DSM 4304' 
_entity_src_gen.pdbx_gene_src_ncbi_taxonomy_id     224325 
_entity_src_gen.pdbx_gene_src_variant              ? 
_entity_src_gen.pdbx_gene_src_cell_line            ? 
_entity_src_gen.pdbx_gene_src_atcc                 49558 
_entity_src_gen.pdbx_gene_src_organ                ? 
_entity_src_gen.pdbx_gene_src_organelle            ? 
_entity_src_gen.pdbx_gene_src_cell                 ? 
_entity_src_gen.pdbx_gene_src_cellular_location    ? 
_entity_src_gen.host_org_common_name               ? 
_entity_src_gen.pdbx_host_org_scientific_name      'Escherichia coli BL21(DE3)' 
_entity_src_gen.pdbx_host_org_ncbi_taxonomy_id     469008 
_entity_src_gen.host_org_genus                     Escherichia 
_entity_src_gen.pdbx_host_org_gene                 ? 
_entity_src_gen.pdbx_host_org_organ                ? 
_entity_src_gen.host_org_species                   'Escherichia coli' 
_entity_src_gen.pdbx_host_org_tissue               ? 
_entity_src_gen.pdbx_host_org_tissue_fraction      ? 
_entity_src_gen.pdbx_host_org_strain               'BL21(DE3)' 
_entity_src_gen.pdbx_host_org_variant              ? 
_entity_src_gen.pdbx_host_org_cell_line            ? 
_entity_src_gen.pdbx_host_org_atcc                 ? 
_entity_src_gen.pdbx_host_org_culture_collection   ? 
_entity_src_gen.pdbx_host_org_cell                 ? 
_entity_src_gen.pdbx_host_org_organelle            ? 
_entity_src_gen.pdbx_host_org_cellular_location    ? 
_entity_src_gen.pdbx_host_org_vector_type          Plasmid 
_entity_src_gen.pdbx_host_org_vector               ? 
_entity_src_gen.host_org_details                   ? 
_entity_src_gen.expression_system_id               ? 
_entity_src_gen.plasmid_name                       'Modified pET15b' 
_entity_src_gen.plasmid_details                    ? 
_entity_src_gen.pdbx_description                   ? 
# 
loop_
_chem_comp.id 
_chem_comp.type 
_chem_comp.mon_nstd_flag 
_chem_comp.name 
_chem_comp.pdbx_synonyms 
_chem_comp.formula 
_chem_comp.formula_weight 
ALA 'L-peptide linking' y ALANINE          ? 'C3 H7 N O2'     89.093  
ARG 'L-peptide linking' y ARGININE         ? 'C6 H15 N4 O2 1' 175.209 
ASN 'L-peptide linking' y ASPARAGINE       ? 'C4 H8 N2 O3'    132.118 
ASP 'L-peptide linking' y 'ASPARTIC ACID'  ? 'C4 H7 N O4'     133.103 
GLN 'L-peptide linking' y GLUTAMINE        ? 'C5 H10 N2 O3'   146.144 
GLU 'L-peptide linking' y 'GLUTAMIC ACID'  ? 'C5 H9 N O4'     147.129 
GLY 'peptide linking'   y GLYCINE          ? 'C2 H5 N O2'     75.067  
HIS 'L-peptide linking' y HISTIDINE        ? 'C6 H10 N3 O2 1' 156.162 
HOH non-polymer         . WATER            ? 'H2 O'           18.015  
ILE 'L-peptide linking' y ISOLEUCINE       ? 'C6 H13 N O2'    131.173 
LEU 'L-peptide linking' y LEUCINE          ? 'C6 H13 N O2'    131.173 
LYS 'L-peptide linking' y LYSINE           ? 'C6 H15 N2 O2 1' 147.195 
MSE 'L-peptide linking' n SELENOMETHIONINE ? 'C5 H11 N O2 Se' 196.106 
PHE 'L-peptide linking' y PHENYLALANINE    ? 'C9 H11 N O2'    165.189 
PRO 'L-peptide linking' y PROLINE          ? 'C5 H9 N O2'     115.130 
SER 'L-peptide linking' y SERINE           ? 'C3 H7 N O3'     105.093 
SO4 non-polymer         . 'SULFATE ION'    ? 'O4 S -2'        96.063  
THR 'L-peptide linking' y THREONINE        ? 'C4 H9 N O3'     119.119 
VAL 'L-peptide linking' y VALINE           ? 'C5 H11 N O2'    117.146 
# 
loop_
_pdbx_poly_seq_scheme.asym_id 
_pdbx_poly_seq_scheme.entity_id 
_pdbx_poly_seq_scheme.seq_id 
_pdbx_poly_seq_scheme.mon_id 
_pdbx_poly_seq_scheme.ndb_seq_num 
_pdbx_poly_seq_scheme.pdb_seq_num 
_pdbx_poly_seq_scheme.auth_seq_num 
_pdbx_poly_seq_scheme.pdb_mon_id 
_pdbx_poly_seq_scheme.auth_mon_id 
_pdbx_poly_seq_scheme.pdb_strand_id 
_pdbx_poly_seq_scheme.pdb_ins_code 
_pdbx_poly_seq_scheme.hetero 
A 1 1   GLY 1   -1  ?   ?   ?   A . n 
A 1 2   HIS 2   0   ?   ?   ?   A . n 
A 1 3   SER 3   1   ?   ?   ?   A . n 
A 1 4   LYS 4   2   ?   ?   ?   A . n 
A 1 5   GLY 5   3   ?   ?   ?   A . n 
A 1 6   ARG 6   4   ?   ?   ?   A . n 
A 1 7   PRO 7   5   ?   ?   ?   A . n 
A 1 8   GLN 8   6   ?   ?   ?   A . n 
A 1 9   ILE 9   7   ?   ?   ?   A . n 
A 1 10  ASP 10  8   ?   ?   ?   A . n 
A 1 11  SER 11  9   ?   ?   ?   A . n 
A 1 12  SER 12  10  ?   ?   ?   A . n 
A 1 13  LYS 13  11  ?   ?   ?   A . n 
A 1 14  ALA 14  12  ?   ?   ?   A . n 
A 1 15  THR 15  13  ?   ?   ?   A . n 
A 1 16  ASP 16  14  ?   ?   ?   A . n 
A 1 17  LYS 17  15  15  LYS LYS A . n 
A 1 18  ILE 18  16  16  ILE ILE A . n 
A 1 19  ASN 19  17  17  ASN ASN A . n 
A 1 20  PRO 20  18  18  PRO PRO A . n 
A 1 21  MSE 21  19  19  MSE MSE A . n 
A 1 22  ASP 22  20  20  ASP ASP A . n 
A 1 23  PHE 23  21  21  PHE PHE A . n 
A 1 24  THR 24  22  22  THR THR A . n 
A 1 25  PHE 25  23  23  PHE PHE A . n 
A 1 26  VAL 26  24  24  VAL VAL A . n 
A 1 27  GLU 27  25  25  GLU GLU A . n 
A 1 28  ILE 28  26  26  ILE ILE A . n 
A 1 29  ASN 29  27  27  ASN ASN A . n 
A 1 30  GLU 30  28  28  GLU GLU A . n 
A 1 31  ALA 31  29  29  ALA ALA A . n 
A 1 32  VAL 32  30  30  VAL VAL A . n 
A 1 33  LYS 33  31  31  LYS LYS A . n 
A 1 34  LEU 34  32  32  LEU LEU A . n 
A 1 35  VAL 35  33  33  VAL VAL A . n 
A 1 36  GLU 36  34  34  GLU GLU A . n 
A 1 37  MSE 37  35  35  MSE MSE A . n 
A 1 38  GLY 38  36  36  GLY GLY A . n 
A 1 39  VAL 39  37  37  VAL VAL A . n 
A 1 40  ALA 40  38  38  ALA ALA A . n 
A 1 41  THR 41  39  39  THR THR A . n 
A 1 42  PRO 42  40  40  PRO PRO A . n 
A 1 43  GLN 43  41  41  GLN GLN A . n 
A 1 44  ASP 44  42  42  ASP ASP A . n 
A 1 45  ILE 45  43  43  ILE ILE A . n 
A 1 46  ASP 46  44  44  ASP ASP A . n 
A 1 47  THR 47  45  45  THR THR A . n 
A 1 48  ALA 48  46  46  ALA ALA A . n 
A 1 49  ILE 49  47  47  ILE ILE A . n 
A 1 50  LYS 50  48  48  LYS LYS A . n 
A 1 51  LEU 51  49  49  LEU LEU A . n 
A 1 52  GLY 52  50  50  GLY GLY A . n 
A 1 53  LEU 53  51  51  LEU LEU A . n 
A 1 54  ASN 54  52  52  ASN ASN A . n 
A 1 55  ARG 55  53  53  ARG ARG A . n 
A 1 56  PRO 56  54  54  PRO PRO A . n 
A 1 57  PHE 57  55  55  PHE PHE A . n 
A 1 58  GLY 58  56  56  GLY GLY A . n 
A 1 59  PRO 59  57  57  PRO PRO A . n 
A 1 60  PHE 60  58  58  PHE PHE A . n 
A 1 61  GLU 61  59  59  GLU GLU A . n 
A 1 62  LEU 62  60  60  LEU LEU A . n 
A 1 63  ALA 63  61  61  ALA ALA A . n 
A 1 64  LYS 64  62  62  LYS LYS A . n 
A 1 65  GLN 65  63  63  GLN GLN A . n 
A 1 66  PHE 66  64  64  PHE PHE A . n 
A 1 67  GLY 67  65  65  GLY GLY A . n 
A 1 68  ALA 68  66  66  ALA ALA A . n 
A 1 69  GLU 69  67  67  GLU GLU A . n 
A 1 70  GLN 70  68  68  GLN GLN A . n 
A 1 71  ILE 71  69  69  ILE ILE A . n 
A 1 72  ALA 72  70  70  ALA ALA A . n 
A 1 73  LYS 73  71  71  LYS LYS A . n 
A 1 74  ARG 74  72  72  ARG ARG A . n 
A 1 75  LEU 75  73  73  LEU LEU A . n 
A 1 76  GLU 76  74  74  GLU GLU A . n 
A 1 77  GLU 77  75  75  GLU GLU A . n 
A 1 78  LEU 78  76  76  LEU LEU A . n 
A 1 79  ALA 79  77  77  ALA ALA A . n 
A 1 80  LYS 80  78  78  LYS LYS A . n 
A 1 81  GLN 81  79  79  GLN GLN A . n 
A 1 82  PHE 82  80  80  PHE PHE A . n 
A 1 83  GLY 83  81  81  GLY GLY A . n 
A 1 84  LYS 84  82  82  LYS LYS A . n 
A 1 85  LYS 85  83  83  LYS LYS A . n 
A 1 86  ILE 86  84  84  ILE ILE A . n 
A 1 87  PHE 87  85  85  PHE PHE A . n 
A 1 88  GLU 88  86  86  GLU GLU A . n 
A 1 89  PRO 89  87  87  PRO PRO A . n 
A 1 90  ALA 90  88  88  ALA ALA A . n 
A 1 91  LYS 91  89  89  LYS LYS A . n 
A 1 92  THR 92  90  90  THR THR A . n 
A 1 93  LEU 93  91  91  LEU LEU A . n 
A 1 94  LYS 94  92  92  LYS LYS A . n 
A 1 95  GLU 95  93  93  GLU GLU A . n 
A 1 96  GLY 96  94  94  GLY GLY A . n 
A 1 97  LYS 97  95  95  LYS LYS A . n 
A 1 98  LEU 98  96  96  LEU LEU A . n 
A 1 99  GLU 99  97  97  GLU GLU A . n 
A 1 100 GLU 100 98  98  GLU GLU A . n 
A 1 101 LEU 101 99  99  LEU LEU A . n 
A 1 102 LEU 102 100 100 LEU LEU A . n 
A 1 103 LYS 103 101 101 LYS LYS A . n 
A 1 104 ALA 104 102 102 ALA ALA A . n 
A 1 105 GLY 105 103 103 GLY GLY A . n 
A 1 106 LYS 106 104 104 LYS LYS A . n 
A 1 107 ALA 107 105 105 ALA ALA A . n 
A 1 108 GLU 108 106 106 GLU GLU A . n 
A 1 109 GLY 109 107 ?   ?   ?   A . n 
A 1 110 SER 110 108 ?   ?   ?   A . n 
# 
loop_
_pdbx_nonpoly_scheme.asym_id 
_pdbx_nonpoly_scheme.entity_id 
_pdbx_nonpoly_scheme.mon_id 
_pdbx_nonpoly_scheme.ndb_seq_num 
_pdbx_nonpoly_scheme.pdb_seq_num 
_pdbx_nonpoly_scheme.auth_seq_num 
_pdbx_nonpoly_scheme.pdb_mon_id 
_pdbx_nonpoly_scheme.auth_mon_id 
_pdbx_nonpoly_scheme.pdb_strand_id 
_pdbx_nonpoly_scheme.pdb_ins_code 
B 2 SO4 1 201 201 SO4 SO4 A . 
C 3 HOH 1 202 202 HOH HOH A . 
C 3 HOH 2 203 203 HOH HOH A . 
C 3 HOH 3 204 204 HOH HOH A . 
# 
loop_
_software.name 
_software.version 
_software.date 
_software.type 
_software.contact_author 
_software.contact_author_email 
_software.classification 
_software.location 
_software.language 
_software.citation_id 
_software.pdbx_ordinal 
PHENIX      .     ?                    ?       ?                    ?                        refinement        ? ?          ? 1 
SCALEPACK   .     ?                    package 'Zbyszek Otwinowski' zbyszek@mix.swmed.edu    'data scaling'    
http://www.lnls.br/infra/linhasluz/denzo-hkl.htm ?          ? 2 
REFMAC      .     ?                    program 'Murshudov, G.N.'    ccp4@dl.ac.uk            refinement        
http://www.ccp4.ac.uk/main.html                  Fortran_77 ? 3 
PDB_EXTRACT 3.005 'September 10, 2007' package PDB                  sw-help@rcsb.rutgers.edu 'data extraction' 
http://pdb.rutgers.edu/software/                 C++        ? 4 
SBC-Collect .     ?                    ?       ?                    ?                        'data collection' ? ?          ? 5 
HKL-3000    .     ?                    ?       ?                    ?                        'data reduction'  ? ?          ? 6 
HKL-3000    .     ?                    ?       ?                    ?                        'data scaling'    ? ?          ? 7 
PHENIX      .     ?                    ?       ?                    ?                        phasing           ? ?          ? 8 
DENZO       .     ?                    package 'Zbyszek Otwinowski' zbyszek@mix.swmed.edu    'data reduction'  
http://www.lnls.br/infra/linhasluz/denzo-hkl.htm ?          ? 9 
# 
_cell.length_a           101.464 
_cell.length_b           101.464 
_cell.length_c           101.464 
_cell.angle_alpha        90.000 
_cell.angle_beta         90.000 
_cell.angle_gamma        90.000 
_cell.entry_id           3CTV 
_cell.pdbx_unique_axis   ? 
_cell.Z_PDB              24 
_cell.length_a_esd       ? 
_cell.length_b_esd       ? 
_cell.length_c_esd       ? 
_cell.angle_alpha_esd    ? 
_cell.angle_beta_esd     ? 
_cell.angle_gamma_esd    ? 
# 
_symmetry.space_group_name_H-M             'I 21 3' 
_symmetry.entry_id                         3CTV 
_symmetry.Int_Tables_number                199 
_symmetry.pdbx_full_space_group_name_H-M   ? 
_symmetry.cell_setting                     ? 
_symmetry.space_group_name_Hall            ? 
# 
_exptl.crystals_number   1 
_exptl.entry_id          3CTV 
_exptl.method            'X-RAY DIFFRACTION' 
# 
_exptl_crystal.id                    1 
_exptl_crystal.density_Matthews      3.58 
_exptl_crystal.density_meas          ? 
_exptl_crystal.density_percent_sol   65.61 
_exptl_crystal.description           ? 
_exptl_crystal.F_000                 ? 
_exptl_crystal.preparation           ? 
# 
_exptl_crystal_grow.crystal_id      1 
_exptl_crystal_grow.method          'VAPOR DIFFUSION, SITTING DROP' 
_exptl_crystal_grow.pH              8.5 
_exptl_crystal_grow.temp            294 
_exptl_crystal_grow.pdbx_details    
'2.5 M Ammonium sulfate, 0.1 M Tris buffer, pH 8.5, VAPOR DIFFUSION, SITTING DROP, temperature 294K' 
_exptl_crystal_grow.temp_details    ? 
_exptl_crystal_grow.pdbx_pH_range   . 
# 
_diffrn.id                     1 
_diffrn.ambient_temp           100 
_diffrn.ambient_temp_details   ? 
_diffrn.crystal_id             1 
# 
_diffrn_detector.diffrn_id              1 
_diffrn_detector.detector               CCD 
_diffrn_detector.type                   SBC-3 
_diffrn_detector.pdbx_collection_date   2007-10-30 
_diffrn_detector.details                ? 
# 
_diffrn_radiation.diffrn_id                        1 
_diffrn_radiation.pdbx_diffrn_protocol             'SINGLE WAVELENGTH' 
_diffrn_radiation.monochromator                    'Double crystal' 
_diffrn_radiation.wavelength_id                    1 
_diffrn_radiation.pdbx_monochromatic_or_laue_m_l   M 
_diffrn_radiation.pdbx_scattering_type             x-ray 
# 
_diffrn_radiation_wavelength.id           1 
_diffrn_radiation_wavelength.wavelength   0.97920 
_diffrn_radiation_wavelength.wt           1.0 
# 
_diffrn_source.diffrn_id                   1 
_diffrn_source.source                      SYNCHROTRON 
_diffrn_source.type                        'APS BEAMLINE 19-BM' 
_diffrn_source.pdbx_wavelength_list        0.97920 
_diffrn_source.pdbx_wavelength             ? 
_diffrn_source.pdbx_synchrotron_site       APS 
_diffrn_source.pdbx_synchrotron_beamline   19-BM 
# 
_reflns.entry_id                     3CTV 
_reflns.d_resolution_high            2.45 
_reflns.d_resolution_low             32.1 
_reflns.number_obs                   6516 
_reflns.pdbx_Rmerge_I_obs            0.077 
_reflns.pdbx_netI_over_sigmaI        12.400 
_reflns.pdbx_chi_squared             1.325 
_reflns.pdbx_redundancy              14.600 
_reflns.percent_possible_obs         99.900 
_reflns.observed_criterion_sigma_F   0 
_reflns.observed_criterion_sigma_I   0 
_reflns.number_all                   6516 
_reflns.pdbx_Rsym_value              ? 
_reflns.B_iso_Wilson_estimate        73 
_reflns.R_free_details               ? 
_reflns.limit_h_max                  ? 
_reflns.limit_h_min                  ? 
_reflns.limit_k_max                  ? 
_reflns.limit_k_min                  ? 
_reflns.limit_l_max                  ? 
_reflns.limit_l_min                  ? 
_reflns.observed_criterion_F_max     ? 
_reflns.observed_criterion_F_min     ? 
_reflns.pdbx_scaling_rejects         ? 
_reflns.pdbx_diffrn_id               1 
_reflns.pdbx_ordinal                 1 
# 
_reflns_shell.d_res_high             2.45 
_reflns_shell.d_res_low              2.52 
_reflns_shell.number_measured_obs    ? 
_reflns_shell.number_measured_all    ? 
_reflns_shell.number_unique_obs      ? 
_reflns_shell.Rmerge_I_obs           0.852 
_reflns_shell.meanI_over_sigI_obs    2.49 
_reflns_shell.pdbx_Rsym_value        ? 
_reflns_shell.pdbx_chi_squared       0.936 
_reflns_shell.pdbx_redundancy        10.40 
_reflns_shell.percent_possible_obs   ? 
_reflns_shell.number_unique_all      541 
_reflns_shell.percent_possible_all   100.00 
_reflns_shell.pdbx_diffrn_id         ? 
_reflns_shell.pdbx_ordinal           1 
# 
_refine.entry_id                                 3CTV 
_refine.B_iso_mean                               73.624 
_refine.pdbx_method_to_determine_struct          SAD 
_refine.ls_d_res_high                            2.46 
_refine.ls_d_res_low                             32.1 
_refine.pdbx_ls_sigma_F                          0 
_refine.pdbx_ls_sigma_I                          0 
_refine.ls_number_reflns_all                     6097 
_refine.ls_number_reflns_obs                     6097 
_refine.ls_number_reflns_R_free                  299 
_refine.ls_percent_reflns_obs                    98.11 
_refine.ls_R_factor_all                          ? 
_refine.ls_R_factor_obs                          ? 
_refine.ls_R_factor_R_work                       0.1935 
_refine.ls_R_factor_R_free                       0.2475 
_refine.ls_redundancy_reflns_obs                 ? 
_refine.pdbx_data_cutoff_high_absF               ? 
_refine.pdbx_data_cutoff_low_absF                ? 
_refine.ls_number_parameters                     ? 
_refine.ls_number_restraints                     ? 
_refine.ls_percent_reflns_R_free                 ? 
_refine.ls_R_factor_R_free_error                 ? 
_refine.ls_R_factor_R_free_error_details         ? 
_refine.pdbx_starting_model                      ? 
_refine.pdbx_ls_cross_valid_method               ? 
_refine.pdbx_R_Free_selection_details            Random 
_refine.pdbx_stereochem_target_val_spec_case     ? 
_refine.pdbx_stereochemistry_target_values       'Engh & Huber' 
_refine.solvent_model_details                    ? 
_refine.solvent_model_param_bsol                 ? 
_refine.solvent_model_param_ksol                 ? 
_refine.occupancy_max                            ? 
_refine.occupancy_min                            ? 
_refine.pdbx_isotropic_thermal_model             ? 
_refine.aniso_B[1][1]                            ? 
_refine.aniso_B[1][2]                            ? 
_refine.aniso_B[1][3]                            ? 
_refine.aniso_B[2][2]                            ? 
_refine.aniso_B[2][3]                            ? 
_refine.aniso_B[3][3]                            ? 
_refine.details                                  
'ANALYSIS OF THE DIFFRACTION DATA INDICATED HEMIHEDERAL TWINNING WITH A TWIN FRACTION OF 0.317 AND WITH A TWIN LAW OF K,H,-L.' 
_refine.B_iso_min                                ? 
_refine.B_iso_max                                ? 
_refine.correlation_coeff_Fo_to_Fc               ? 
_refine.correlation_coeff_Fo_to_Fc_free          ? 
_refine.pdbx_solvent_vdw_probe_radii             ? 
_refine.pdbx_solvent_ion_probe_radii             ? 
_refine.pdbx_solvent_shrinkage_radii             ? 
_refine.overall_SU_R_Cruickshank_DPI             ? 
_refine.overall_SU_R_free                        ? 
_refine.overall_SU_ML                            ? 
_refine.overall_SU_B                             ? 
_refine.pdbx_overall_ESU_R_Free                  ? 
_refine.pdbx_data_cutoff_high_rms_absF           ? 
_refine.pdbx_overall_ESU_R                       ? 
_refine.ls_wR_factor_R_free                      ? 
_refine.ls_wR_factor_R_work                      ? 
_refine.overall_FOM_free_R_set                   ? 
_refine.overall_FOM_work_R_set                   ? 
_refine.pdbx_overall_phase_error                 ? 
_refine.pdbx_refine_id                           'X-RAY DIFFRACTION' 
_refine.pdbx_diffrn_id                           1 
_refine.pdbx_TLS_residual_ADP_flag               ? 
_refine.pdbx_overall_SU_R_free_Cruickshank_DPI   ? 
_refine.pdbx_overall_SU_R_Blow_DPI               ? 
_refine.pdbx_overall_SU_R_free_Blow_DPI          ? 
# 
_refine_hist.pdbx_refine_id                   'X-RAY DIFFRACTION' 
_refine_hist.cycle_id                         LAST 
_refine_hist.pdbx_number_atoms_protein        721 
_refine_hist.pdbx_number_atoms_nucleic_acid   0 
_refine_hist.pdbx_number_atoms_ligand         5 
_refine_hist.number_atoms_solvent             3 
_refine_hist.number_atoms_total               729 
_refine_hist.d_res_high                       2.46 
_refine_hist.d_res_low                        32.1 
# 
loop_
_refine_ls_restr.type 
_refine_ls_restr.dev_ideal 
_refine_ls_restr.dev_ideal_target 
_refine_ls_restr.number 
_refine_ls_restr.weight 
_refine_ls_restr.pdbx_refine_id 
_refine_ls_restr.pdbx_restraint_function 
f_bond_d    0.008 ? ? ? 'X-RAY DIFFRACTION' ? 
f_angle_deg 1.308 ? ? ? 'X-RAY DIFFRACTION' ? 
# 
_struct.entry_id                  3CTV 
_struct.title                     
'Crystal structure of central domain of 3-hydroxyacyl-CoA dehydrogenase from Archaeoglobus fulgidus' 
_struct.pdbx_model_details        ? 
_struct.pdbx_CASP_flag            ? 
_struct.pdbx_model_type_details   ? 
# 
_struct_keywords.entry_id        3CTV 
_struct_keywords.text            
;structural genomics, APC7539, 3-hydroxyacyl-CoA dehydrogenase, PSI-2, Protein Structure Initiative, Midwest Center for Structural Genomics, MCSG, Fatty acid metabolism, Lipid metabolism, Lyase, Multifunctional enzyme, NAD, Oxidoreductase
;
_struct_keywords.pdbx_keywords   OXIDOREDUCTASE 
# 
loop_
_struct_asym.id 
_struct_asym.pdbx_blank_PDB_chainid_flag 
_struct_asym.pdbx_modified 
_struct_asym.entity_id 
_struct_asym.details 
A N N 1 ? 
B N N 2 ? 
C N N 3 ? 
# 
_struct_ref.id                         1 
_struct_ref.db_name                    UNP 
_struct_ref.db_code                    O28011_ARCFU 
_struct_ref.pdbx_db_accession          O28011 
_struct_ref.entity_id                  1 
_struct_ref.pdbx_seq_one_letter_code   
;SKGRPQIDSSKATDKINPMDFTFVEINEAVKLVEMGVATPQDIDTAIKLGLNRPFGPFELAKQFGAEQIAKRLEELAKQF
GKKIFEPAKTLKEGKLEELLKAGKAE
;
_struct_ref.pdbx_align_begin           295 
_struct_ref.pdbx_db_isoform            ? 
# 
_struct_ref_seq.align_id                      1 
_struct_ref_seq.ref_id                        1 
_struct_ref_seq.pdbx_PDB_id_code              3CTV 
_struct_ref_seq.pdbx_strand_id                A 
_struct_ref_seq.seq_align_beg                 3 
_struct_ref_seq.pdbx_seq_align_beg_ins_code   ? 
_struct_ref_seq.seq_align_end                 108 
_struct_ref_seq.pdbx_seq_align_end_ins_code   ? 
_struct_ref_seq.pdbx_db_accession             O28011 
_struct_ref_seq.db_align_beg                  295 
_struct_ref_seq.pdbx_db_align_beg_ins_code    ? 
_struct_ref_seq.db_align_end                  400 
_struct_ref_seq.pdbx_db_align_end_ins_code    ? 
_struct_ref_seq.pdbx_auth_seq_align_beg       1 
_struct_ref_seq.pdbx_auth_seq_align_end       106 
# 
loop_
_struct_ref_seq_dif.align_id 
_struct_ref_seq_dif.pdbx_pdb_id_code 
_struct_ref_seq_dif.mon_id 
_struct_ref_seq_dif.pdbx_pdb_strand_id 
_struct_ref_seq_dif.seq_num 
_struct_ref_seq_dif.pdbx_pdb_ins_code 
_struct_ref_seq_dif.pdbx_seq_db_name 
_struct_ref_seq_dif.pdbx_seq_db_accession_code 
_struct_ref_seq_dif.db_mon_id 
_struct_ref_seq_dif.pdbx_seq_db_seq_num 
_struct_ref_seq_dif.details 
_struct_ref_seq_dif.pdbx_auth_seq_num 
_struct_ref_seq_dif.pdbx_ordinal 
1 3CTV GLY A 1   ? UNP O28011 ? ? 'expression tag' -1  1 
1 3CTV HIS A 2   ? UNP O28011 ? ? 'expression tag' 0   2 
1 3CTV GLY A 109 ? UNP O28011 ? ? 'expression tag' 107 3 
1 3CTV SER A 110 ? UNP O28011 ? ? 'expression tag' 108 4 
# 
_pdbx_struct_assembly.id                   1 
_pdbx_struct_assembly.details              software_defined_assembly 
_pdbx_struct_assembly.method_details       PISA 
_pdbx_struct_assembly.oligomeric_details   dimeric 
_pdbx_struct_assembly.oligomeric_count     2 
# 
loop_
_pdbx_struct_assembly_prop.biol_id 
_pdbx_struct_assembly_prop.type 
_pdbx_struct_assembly_prop.value 
_pdbx_struct_assembly_prop.details 
1 'ABSA (A^2)' 2030  ? 
1 MORE         -19.6 ? 
1 'SSA (A^2)'  9730  ? 
# 
_pdbx_struct_assembly_gen.assembly_id       1 
_pdbx_struct_assembly_gen.oper_expression   1,2 
_pdbx_struct_assembly_gen.asym_id_list      A,B,C 
# 
loop_
_pdbx_struct_oper_list.id 
_pdbx_struct_oper_list.type 
_pdbx_struct_oper_list.name 
_pdbx_struct_oper_list.symmetry_operation 
_pdbx_struct_oper_list.matrix[1][1] 
_pdbx_struct_oper_list.matrix[1][2] 
_pdbx_struct_oper_list.matrix[1][3] 
_pdbx_struct_oper_list.vector[1] 
_pdbx_struct_oper_list.matrix[2][1] 
_pdbx_struct_oper_list.matrix[2][2] 
_pdbx_struct_oper_list.matrix[2][3] 
_pdbx_struct_oper_list.vector[2] 
_pdbx_struct_oper_list.matrix[3][1] 
_pdbx_struct_oper_list.matrix[3][2] 
_pdbx_struct_oper_list.matrix[3][3] 
_pdbx_struct_oper_list.vector[3] 
1 'identity operation'         1_555  x,y,z         1.0000000000  0.0000000000  0.0000000000  0.0000000000  0.0000000000  1.0000000000  0.0000000000 0.0000000000  0.0000000000  0.0000000000 1.0000000000 0.0000000000  
2 'crystal symmetry operation' 15_656 -x+3/2,y,-z+1 -0.9974723521 -0.0295746171 -0.0646084262 14.2712709069 -0.0295746171 -0.6539636742 0.7559476535 10.8324639638 -0.0646084262 0.7559476535 0.6514360264 -4.4002499914 
# 
_struct_biol.id        1 
_struct_biol.details   ? 
# 
loop_
_struct_conf.conf_type_id 
_struct_conf.id 
_struct_conf.pdbx_PDB_helix_id 
_struct_conf.beg_label_comp_id 
_struct_conf.beg_label_asym_id 
_struct_conf.beg_label_seq_id 
_struct_conf.pdbx_beg_PDB_ins_code 
_struct_conf.end_label_comp_id 
_struct_conf.end_label_asym_id 
_struct_conf.end_label_seq_id 
_struct_conf.pdbx_end_PDB_ins_code 
_struct_conf.beg_auth_comp_id 
_struct_conf.beg_auth_asym_id 
_struct_conf.beg_auth_seq_id 
_struct_conf.end_auth_comp_id 
_struct_conf.end_auth_asym_id 
_struct_conf.end_auth_seq_id 
_struct_conf.pdbx_PDB_helix_class 
_struct_conf.details 
_struct_conf.pdbx_PDB_helix_length 
HELX_P HELX_P1 1 ASN A 19 ? MSE A 37  ? ASN A 17 MSE A 35  1 ? 19 
HELX_P HELX_P2 2 THR A 41 ? LEU A 53  ? THR A 39 LEU A 51  1 ? 13 
HELX_P HELX_P3 3 GLY A 58 ? GLY A 67  ? GLY A 56 GLY A 65  1 ? 10 
HELX_P HELX_P4 4 GLY A 67 ? GLY A 83  ? GLY A 65 GLY A 81  1 ? 17 
HELX_P HELX_P5 5 LYS A 84 ? GLU A 88  ? LYS A 82 GLU A 86  5 ? 5  
HELX_P HELX_P6 6 ALA A 90 ? GLU A 95  ? ALA A 88 GLU A 93  1 ? 6  
HELX_P HELX_P7 7 LYS A 97 ? GLU A 108 ? LYS A 95 GLU A 106 1 ? 12 
# 
_struct_conf_type.id          HELX_P 
_struct_conf_type.criteria    ? 
_struct_conf_type.reference   ? 
# 
loop_
_struct_conn.id 
_struct_conn.conn_type_id 
_struct_conn.pdbx_leaving_atom_flag 
_struct_conn.pdbx_PDB_id 
_struct_conn.ptnr1_label_asym_id 
_struct_conn.ptnr1_label_comp_id 
_struct_conn.ptnr1_label_seq_id 
_struct_conn.ptnr1_label_atom_id 
_struct_conn.pdbx_ptnr1_label_alt_id 
_struct_conn.pdbx_ptnr1_PDB_ins_code 
_struct_conn.pdbx_ptnr1_standard_comp_id 
_struct_conn.ptnr1_symmetry 
_struct_conn.ptnr2_label_asym_id 
_struct_conn.ptnr2_label_comp_id 
_struct_conn.ptnr2_label_seq_id 
_struct_conn.ptnr2_label_atom_id 
_struct_conn.pdbx_ptnr2_label_alt_id 
_struct_conn.pdbx_ptnr2_PDB_ins_code 
_struct_conn.ptnr1_auth_asym_id 
_struct_conn.ptnr1_auth_comp_id 
_struct_conn.ptnr1_auth_seq_id 
_struct_conn.ptnr2_auth_asym_id 
_struct_conn.ptnr2_auth_comp_id 
_struct_conn.ptnr2_auth_seq_id 
_struct_conn.ptnr2_symmetry 
_struct_conn.pdbx_ptnr3_label_atom_id 
_struct_conn.pdbx_ptnr3_label_seq_id 
_struct_conn.pdbx_ptnr3_label_comp_id 
_struct_conn.pdbx_ptnr3_label_asym_id 
_struct_conn.pdbx_ptnr3_label_alt_id 
_struct_conn.pdbx_ptnr3_PDB_ins_code 
_struct_conn.details 
_struct_conn.pdbx_dist_value 
_struct_conn.pdbx_value_order 
_struct_conn.pdbx_role 
covale1 covale both ? A PRO 20 C ? ? ? 1_555 A MSE 21 N ? ? A PRO 18 A MSE 19 1_555 ? ? ? ? ? ? ? 1.328 ? ? 
covale2 covale both ? A MSE 21 C ? ? ? 1_555 A ASP 22 N ? ? A MSE 19 A ASP 20 1_555 ? ? ? ? ? ? ? 1.323 ? ? 
covale3 covale both ? A GLU 36 C ? ? ? 1_555 A MSE 37 N ? ? A GLU 34 A MSE 35 1_555 ? ? ? ? ? ? ? 1.334 ? ? 
covale4 covale both ? A MSE 37 C ? ? ? 1_555 A GLY 38 N ? ? A MSE 35 A GLY 36 1_555 ? ? ? ? ? ? ? 1.332 ? ? 
# 
_struct_conn_type.id          covale 
_struct_conn_type.criteria    ? 
_struct_conn_type.reference   ? 
# 
loop_
_pdbx_modification_feature.ordinal 
_pdbx_modification_feature.label_comp_id 
_pdbx_modification_feature.label_asym_id 
_pdbx_modification_feature.label_seq_id 
_pdbx_modification_feature.label_alt_id 
_pdbx_modification_feature.modified_residue_label_comp_id 
_pdbx_modification_feature.modified_residue_label_asym_id 
_pdbx_modification_feature.modified_residue_label_seq_id 
_pdbx_modification_feature.modified_residue_label_alt_id 
_pdbx_modification_feature.auth_comp_id 
_pdbx_modification_feature.auth_asym_id 
_pdbx_modification_feature.auth_seq_id 
_pdbx_modification_feature.PDB_ins_code 
_pdbx_modification_feature.symmetry 
_pdbx_modification_feature.modified_residue_auth_comp_id 
_pdbx_modification_feature.modified_residue_auth_asym_id 
_pdbx_modification_feature.modified_residue_auth_seq_id 
_pdbx_modification_feature.modified_residue_PDB_ins_code 
_pdbx_modification_feature.modified_residue_symmetry 
_pdbx_modification_feature.comp_id_linking_atom 
_pdbx_modification_feature.modified_residue_id_linking_atom 
_pdbx_modification_feature.modified_residue_id 
_pdbx_modification_feature.ref_pcm_id 
_pdbx_modification_feature.ref_comp_id 
_pdbx_modification_feature.type 
_pdbx_modification_feature.category 
1 MSE A 21 ? . . . . MSE A 19 ? 1_555 . . . . . . . MET 1 MSE Selenomethionine 'Named protein modification' 
2 MSE A 37 ? . . . . MSE A 35 ? 1_555 . . . . . . . MET 1 MSE Selenomethionine 'Named protein modification' 
# 
_struct_site.id                   AC1 
_struct_site.pdbx_evidence_code   Software 
_struct_site.pdbx_auth_asym_id    A 
_struct_site.pdbx_auth_comp_id    SO4 
_struct_site.pdbx_auth_seq_id     201 
_struct_site.pdbx_auth_ins_code   ? 
_struct_site.pdbx_num_residues    3 
_struct_site.details              'BINDING SITE FOR RESIDUE SO4 A 201' 
# 
loop_
_struct_site_gen.id 
_struct_site_gen.site_id 
_struct_site_gen.pdbx_num_res 
_struct_site_gen.label_comp_id 
_struct_site_gen.label_asym_id 
_struct_site_gen.label_seq_id 
_struct_site_gen.pdbx_auth_ins_code 
_struct_site_gen.auth_comp_id 
_struct_site_gen.auth_asym_id 
_struct_site_gen.auth_seq_id 
_struct_site_gen.label_atom_id 
_struct_site_gen.label_alt_id 
_struct_site_gen.symmetry 
_struct_site_gen.details 
1 AC1 3 ASN A 54 ? ASN A 52 . ? 23_566 ? 
2 AC1 3 LYS A 84 ? LYS A 82 . ? 1_555  ? 
3 AC1 3 LYS A 85 ? LYS A 83 . ? 1_555  ? 
# 
_pdbx_entry_details.entry_id                   3CTV 
_pdbx_entry_details.compound_details           ? 
_pdbx_entry_details.source_details             ? 
_pdbx_entry_details.nonpolymer_details         ? 
_pdbx_entry_details.sequence_details           ? 
_pdbx_entry_details.has_ligand_of_interest     ? 
_pdbx_entry_details.has_protein_modification   Y 
# 
loop_
_pdbx_validate_torsion.id 
_pdbx_validate_torsion.PDB_model_num 
_pdbx_validate_torsion.auth_comp_id 
_pdbx_validate_torsion.auth_asym_id 
_pdbx_validate_torsion.auth_seq_id 
_pdbx_validate_torsion.PDB_ins_code 
_pdbx_validate_torsion.label_alt_id 
_pdbx_validate_torsion.phi 
_pdbx_validate_torsion.psi 
1 1 LYS A 92 ? ? -44.60 -8.98 
2 1 LYS A 95 ? ? -71.59 26.00 
# 
_pdbx_SG_project.id                    1 
_pdbx_SG_project.project_name          'PSI, Protein Structure Initiative' 
_pdbx_SG_project.full_name_of_center   'Midwest Center for Structural Genomics' 
_pdbx_SG_project.initial_of_center     MCSG 
# 
loop_
_pdbx_struct_mod_residue.id 
_pdbx_struct_mod_residue.label_asym_id 
_pdbx_struct_mod_residue.label_comp_id 
_pdbx_struct_mod_residue.label_seq_id 
_pdbx_struct_mod_residue.auth_asym_id 
_pdbx_struct_mod_residue.auth_comp_id 
_pdbx_struct_mod_residue.auth_seq_id 
_pdbx_struct_mod_residue.PDB_ins_code 
_pdbx_struct_mod_residue.parent_comp_id 
_pdbx_struct_mod_residue.details 
1 A MSE 21 A MSE 19 ? MET SELENOMETHIONINE 
2 A MSE 37 A MSE 35 ? MET SELENOMETHIONINE 
# 
loop_
_pdbx_unobs_or_zero_occ_residues.id 
_pdbx_unobs_or_zero_occ_residues.PDB_model_num 
_pdbx_unobs_or_zero_occ_residues.polymer_flag 
_pdbx_unobs_or_zero_occ_residues.occupancy_flag 
_pdbx_unobs_or_zero_occ_residues.auth_asym_id 
_pdbx_unobs_or_zero_occ_residues.auth_comp_id 
_pdbx_unobs_or_zero_occ_residues.auth_seq_id 
_pdbx_unobs_or_zero_occ_residues.PDB_ins_code 
_pdbx_unobs_or_zero_occ_residues.label_asym_id 
_pdbx_unobs_or_zero_occ_residues.label_comp_id 
_pdbx_unobs_or_zero_occ_residues.label_seq_id 
1  1 Y 1 A GLY -1  ? A GLY 1   
2  1 Y 1 A HIS 0   ? A HIS 2   
3  1 Y 1 A SER 1   ? A SER 3   
4  1 Y 1 A LYS 2   ? A LYS 4   
5  1 Y 1 A GLY 3   ? A GLY 5   
6  1 Y 1 A ARG 4   ? A ARG 6   
7  1 Y 1 A PRO 5   ? A PRO 7   
8  1 Y 1 A GLN 6   ? A GLN 8   
9  1 Y 1 A ILE 7   ? A ILE 9   
10 1 Y 1 A ASP 8   ? A ASP 10  
11 1 Y 1 A SER 9   ? A SER 11  
12 1 Y 1 A SER 10  ? A SER 12  
13 1 Y 1 A LYS 11  ? A LYS 13  
14 1 Y 1 A ALA 12  ? A ALA 14  
15 1 Y 1 A THR 13  ? A THR 15  
16 1 Y 1 A ASP 14  ? A ASP 16  
17 1 Y 1 A GLY 107 ? A GLY 109 
18 1 Y 1 A SER 108 ? A SER 110 
# 
loop_
_chem_comp_atom.comp_id 
_chem_comp_atom.atom_id 
_chem_comp_atom.type_symbol 
_chem_comp_atom.pdbx_aromatic_flag 
_chem_comp_atom.pdbx_stereo_config 
_chem_comp_atom.pdbx_ordinal 
ALA N    N  N N 1   
ALA CA   C  N S 2   
ALA C    C  N N 3   
ALA O    O  N N 4   
ALA CB   C  N N 5   
ALA OXT  O  N N 6   
ALA H    H  N N 7   
ALA H2   H  N N 8   
ALA HA   H  N N 9   
ALA HB1  H  N N 10  
ALA HB2  H  N N 11  
ALA HB3  H  N N 12  
ALA HXT  H  N N 13  
ARG N    N  N N 14  
ARG CA   C  N S 15  
ARG C    C  N N 16  
ARG O    O  N N 17  
ARG CB   C  N N 18  
ARG CG   C  N N 19  
ARG CD   C  N N 20  
ARG NE   N  N N 21  
ARG CZ   C  N N 22  
ARG NH1  N  N N 23  
ARG NH2  N  N N 24  
ARG OXT  O  N N 25  
ARG H    H  N N 26  
ARG H2   H  N N 27  
ARG HA   H  N N 28  
ARG HB2  H  N N 29  
ARG HB3  H  N N 30  
ARG HG2  H  N N 31  
ARG HG3  H  N N 32  
ARG HD2  H  N N 33  
ARG HD3  H  N N 34  
ARG HE   H  N N 35  
ARG HH11 H  N N 36  
ARG HH12 H  N N 37  
ARG HH21 H  N N 38  
ARG HH22 H  N N 39  
ARG HXT  H  N N 40  
ASN N    N  N N 41  
ASN CA   C  N S 42  
ASN C    C  N N 43  
ASN O    O  N N 44  
ASN CB   C  N N 45  
ASN CG   C  N N 46  
ASN OD1  O  N N 47  
ASN ND2  N  N N 48  
ASN OXT  O  N N 49  
ASN H    H  N N 50  
ASN H2   H  N N 51  
ASN HA   H  N N 52  
ASN HB2  H  N N 53  
ASN HB3  H  N N 54  
ASN HD21 H  N N 55  
ASN HD22 H  N N 56  
ASN HXT  H  N N 57  
ASP N    N  N N 58  
ASP CA   C  N S 59  
ASP C    C  N N 60  
ASP O    O  N N 61  
ASP CB   C  N N 62  
ASP CG   C  N N 63  
ASP OD1  O  N N 64  
ASP OD2  O  N N 65  
ASP OXT  O  N N 66  
ASP H    H  N N 67  
ASP H2   H  N N 68  
ASP HA   H  N N 69  
ASP HB2  H  N N 70  
ASP HB3  H  N N 71  
ASP HD2  H  N N 72  
ASP HXT  H  N N 73  
GLN N    N  N N 74  
GLN CA   C  N S 75  
GLN C    C  N N 76  
GLN O    O  N N 77  
GLN CB   C  N N 78  
GLN CG   C  N N 79  
GLN CD   C  N N 80  
GLN OE1  O  N N 81  
GLN NE2  N  N N 82  
GLN OXT  O  N N 83  
GLN H    H  N N 84  
GLN H2   H  N N 85  
GLN HA   H  N N 86  
GLN HB2  H  N N 87  
GLN HB3  H  N N 88  
GLN HG2  H  N N 89  
GLN HG3  H  N N 90  
GLN HE21 H  N N 91  
GLN HE22 H  N N 92  
GLN HXT  H  N N 93  
GLU N    N  N N 94  
GLU CA   C  N S 95  
GLU C    C  N N 96  
GLU O    O  N N 97  
GLU CB   C  N N 98  
GLU CG   C  N N 99  
GLU CD   C  N N 100 
GLU OE1  O  N N 101 
GLU OE2  O  N N 102 
GLU OXT  O  N N 103 
GLU H    H  N N 104 
GLU H2   H  N N 105 
GLU HA   H  N N 106 
GLU HB2  H  N N 107 
GLU HB3  H  N N 108 
GLU HG2  H  N N 109 
GLU HG3  H  N N 110 
GLU HE2  H  N N 111 
GLU HXT  H  N N 112 
GLY N    N  N N 113 
GLY CA   C  N N 114 
GLY C    C  N N 115 
GLY O    O  N N 116 
GLY OXT  O  N N 117 
GLY H    H  N N 118 
GLY H2   H  N N 119 
GLY HA2  H  N N 120 
GLY HA3  H  N N 121 
GLY HXT  H  N N 122 
HIS N    N  N N 123 
HIS CA   C  N S 124 
HIS C    C  N N 125 
HIS O    O  N N 126 
HIS CB   C  N N 127 
HIS CG   C  Y N 128 
HIS ND1  N  Y N 129 
HIS CD2  C  Y N 130 
HIS CE1  C  Y N 131 
HIS NE2  N  Y N 132 
HIS OXT  O  N N 133 
HIS H    H  N N 134 
HIS H2   H  N N 135 
HIS HA   H  N N 136 
HIS HB2  H  N N 137 
HIS HB3  H  N N 138 
HIS HD1  H  N N 139 
HIS HD2  H  N N 140 
HIS HE1  H  N N 141 
HIS HE2  H  N N 142 
HIS HXT  H  N N 143 
HOH O    O  N N 144 
HOH H1   H  N N 145 
HOH H2   H  N N 146 
ILE N    N  N N 147 
ILE CA   C  N S 148 
ILE C    C  N N 149 
ILE O    O  N N 150 
ILE CB   C  N S 151 
ILE CG1  C  N N 152 
ILE CG2  C  N N 153 
ILE CD1  C  N N 154 
ILE OXT  O  N N 155 
ILE H    H  N N 156 
ILE H2   H  N N 157 
ILE HA   H  N N 158 
ILE HB   H  N N 159 
ILE HG12 H  N N 160 
ILE HG13 H  N N 161 
ILE HG21 H  N N 162 
ILE HG22 H  N N 163 
ILE HG23 H  N N 164 
ILE HD11 H  N N 165 
ILE HD12 H  N N 166 
ILE HD13 H  N N 167 
ILE HXT  H  N N 168 
LEU N    N  N N 169 
LEU CA   C  N S 170 
LEU C    C  N N 171 
LEU O    O  N N 172 
LEU CB   C  N N 173 
LEU CG   C  N N 174 
LEU CD1  C  N N 175 
LEU CD2  C  N N 176 
LEU OXT  O  N N 177 
LEU H    H  N N 178 
LEU H2   H  N N 179 
LEU HA   H  N N 180 
LEU HB2  H  N N 181 
LEU HB3  H  N N 182 
LEU HG   H  N N 183 
LEU HD11 H  N N 184 
LEU HD12 H  N N 185 
LEU HD13 H  N N 186 
LEU HD21 H  N N 187 
LEU HD22 H  N N 188 
LEU HD23 H  N N 189 
LEU HXT  H  N N 190 
LYS N    N  N N 191 
LYS CA   C  N S 192 
LYS C    C  N N 193 
LYS O    O  N N 194 
LYS CB   C  N N 195 
LYS CG   C  N N 196 
LYS CD   C  N N 197 
LYS CE   C  N N 198 
LYS NZ   N  N N 199 
LYS OXT  O  N N 200 
LYS H    H  N N 201 
LYS H2   H  N N 202 
LYS HA   H  N N 203 
LYS HB2  H  N N 204 
LYS HB3  H  N N 205 
LYS HG2  H  N N 206 
LYS HG3  H  N N 207 
LYS HD2  H  N N 208 
LYS HD3  H  N N 209 
LYS HE2  H  N N 210 
LYS HE3  H  N N 211 
LYS HZ1  H  N N 212 
LYS HZ2  H  N N 213 
LYS HZ3  H  N N 214 
LYS HXT  H  N N 215 
MSE N    N  N N 216 
MSE CA   C  N S 217 
MSE C    C  N N 218 
MSE O    O  N N 219 
MSE OXT  O  N N 220 
MSE CB   C  N N 221 
MSE CG   C  N N 222 
MSE SE   SE N N 223 
MSE CE   C  N N 224 
MSE H    H  N N 225 
MSE H2   H  N N 226 
MSE HA   H  N N 227 
MSE HXT  H  N N 228 
MSE HB2  H  N N 229 
MSE HB3  H  N N 230 
MSE HG2  H  N N 231 
MSE HG3  H  N N 232 
MSE HE1  H  N N 233 
MSE HE2  H  N N 234 
MSE HE3  H  N N 235 
PHE N    N  N N 236 
PHE CA   C  N S 237 
PHE C    C  N N 238 
PHE O    O  N N 239 
PHE CB   C  N N 240 
PHE CG   C  Y N 241 
PHE CD1  C  Y N 242 
PHE CD2  C  Y N 243 
PHE CE1  C  Y N 244 
PHE CE2  C  Y N 245 
PHE CZ   C  Y N 246 
PHE OXT  O  N N 247 
PHE H    H  N N 248 
PHE H2   H  N N 249 
PHE HA   H  N N 250 
PHE HB2  H  N N 251 
PHE HB3  H  N N 252 
PHE HD1  H  N N 253 
PHE HD2  H  N N 254 
PHE HE1  H  N N 255 
PHE HE2  H  N N 256 
PHE HZ   H  N N 257 
PHE HXT  H  N N 258 
PRO N    N  N N 259 
PRO CA   C  N S 260 
PRO C    C  N N 261 
PRO O    O  N N 262 
PRO CB   C  N N 263 
PRO CG   C  N N 264 
PRO CD   C  N N 265 
PRO OXT  O  N N 266 
PRO H    H  N N 267 
PRO HA   H  N N 268 
PRO HB2  H  N N 269 
PRO HB3  H  N N 270 
PRO HG2  H  N N 271 
PRO HG3  H  N N 272 
PRO HD2  H  N N 273 
PRO HD3  H  N N 274 
PRO HXT  H  N N 275 
SER N    N  N N 276 
SER CA   C  N S 277 
SER C    C  N N 278 
SER O    O  N N 279 
SER CB   C  N N 280 
SER OG   O  N N 281 
SER OXT  O  N N 282 
SER H    H  N N 283 
SER H2   H  N N 284 
SER HA   H  N N 285 
SER HB2  H  N N 286 
SER HB3  H  N N 287 
SER HG   H  N N 288 
SER HXT  H  N N 289 
SO4 S    S  N N 290 
SO4 O1   O  N N 291 
SO4 O2   O  N N 292 
SO4 O3   O  N N 293 
SO4 O4   O  N N 294 
THR N    N  N N 295 
THR CA   C  N S 296 
THR C    C  N N 297 
THR O    O  N N 298 
THR CB   C  N R 299 
THR OG1  O  N N 300 
THR CG2  C  N N 301 
THR OXT  O  N N 302 
THR H    H  N N 303 
THR H2   H  N N 304 
THR HA   H  N N 305 
THR HB   H  N N 306 
THR HG1  H  N N 307 
THR HG21 H  N N 308 
THR HG22 H  N N 309 
THR HG23 H  N N 310 
THR HXT  H  N N 311 
VAL N    N  N N 312 
VAL CA   C  N S 313 
VAL C    C  N N 314 
VAL O    O  N N 315 
VAL CB   C  N N 316 
VAL CG1  C  N N 317 
VAL CG2  C  N N 318 
VAL OXT  O  N N 319 
VAL H    H  N N 320 
VAL H2   H  N N 321 
VAL HA   H  N N 322 
VAL HB   H  N N 323 
VAL HG11 H  N N 324 
VAL HG12 H  N N 325 
VAL HG13 H  N N 326 
VAL HG21 H  N N 327 
VAL HG22 H  N N 328 
VAL HG23 H  N N 329 
VAL HXT  H  N N 330 
# 
loop_
_chem_comp_bond.comp_id 
_chem_comp_bond.atom_id_1 
_chem_comp_bond.atom_id_2 
_chem_comp_bond.value_order 
_chem_comp_bond.pdbx_aromatic_flag 
_chem_comp_bond.pdbx_stereo_config 
_chem_comp_bond.pdbx_ordinal 
ALA N   CA   sing N N 1   
ALA N   H    sing N N 2   
ALA N   H2   sing N N 3   
ALA CA  C    sing N N 4   
ALA CA  CB   sing N N 5   
ALA CA  HA   sing N N 6   
ALA C   O    doub N N 7   
ALA C   OXT  sing N N 8   
ALA CB  HB1  sing N N 9   
ALA CB  HB2  sing N N 10  
ALA CB  HB3  sing N N 11  
ALA OXT HXT  sing N N 12  
ARG N   CA   sing N N 13  
ARG N   H    sing N N 14  
ARG N   H2   sing N N 15  
ARG CA  C    sing N N 16  
ARG CA  CB   sing N N 17  
ARG CA  HA   sing N N 18  
ARG C   O    doub N N 19  
ARG C   OXT  sing N N 20  
ARG CB  CG   sing N N 21  
ARG CB  HB2  sing N N 22  
ARG CB  HB3  sing N N 23  
ARG CG  CD   sing N N 24  
ARG CG  HG2  sing N N 25  
ARG CG  HG3  sing N N 26  
ARG CD  NE   sing N N 27  
ARG CD  HD2  sing N N 28  
ARG CD  HD3  sing N N 29  
ARG NE  CZ   sing N N 30  
ARG NE  HE   sing N N 31  
ARG CZ  NH1  sing N N 32  
ARG CZ  NH2  doub N N 33  
ARG NH1 HH11 sing N N 34  
ARG NH1 HH12 sing N N 35  
ARG NH2 HH21 sing N N 36  
ARG NH2 HH22 sing N N 37  
ARG OXT HXT  sing N N 38  
ASN N   CA   sing N N 39  
ASN N   H    sing N N 40  
ASN N   H2   sing N N 41  
ASN CA  C    sing N N 42  
ASN CA  CB   sing N N 43  
ASN CA  HA   sing N N 44  
ASN C   O    doub N N 45  
ASN C   OXT  sing N N 46  
ASN CB  CG   sing N N 47  
ASN CB  HB2  sing N N 48  
ASN CB  HB3  sing N N 49  
ASN CG  OD1  doub N N 50  
ASN CG  ND2  sing N N 51  
ASN ND2 HD21 sing N N 52  
ASN ND2 HD22 sing N N 53  
ASN OXT HXT  sing N N 54  
ASP N   CA   sing N N 55  
ASP N   H    sing N N 56  
ASP N   H2   sing N N 57  
ASP CA  C    sing N N 58  
ASP CA  CB   sing N N 59  
ASP CA  HA   sing N N 60  
ASP C   O    doub N N 61  
ASP C   OXT  sing N N 62  
ASP CB  CG   sing N N 63  
ASP CB  HB2  sing N N 64  
ASP CB  HB3  sing N N 65  
ASP CG  OD1  doub N N 66  
ASP CG  OD2  sing N N 67  
ASP OD2 HD2  sing N N 68  
ASP OXT HXT  sing N N 69  
GLN N   CA   sing N N 70  
GLN N   H    sing N N 71  
GLN N   H2   sing N N 72  
GLN CA  C    sing N N 73  
GLN CA  CB   sing N N 74  
GLN CA  HA   sing N N 75  
GLN C   O    doub N N 76  
GLN C   OXT  sing N N 77  
GLN CB  CG   sing N N 78  
GLN CB  HB2  sing N N 79  
GLN CB  HB3  sing N N 80  
GLN CG  CD   sing N N 81  
GLN CG  HG2  sing N N 82  
GLN CG  HG3  sing N N 83  
GLN CD  OE1  doub N N 84  
GLN CD  NE2  sing N N 85  
GLN NE2 HE21 sing N N 86  
GLN NE2 HE22 sing N N 87  
GLN OXT HXT  sing N N 88  
GLU N   CA   sing N N 89  
GLU N   H    sing N N 90  
GLU N   H2   sing N N 91  
GLU CA  C    sing N N 92  
GLU CA  CB   sing N N 93  
GLU CA  HA   sing N N 94  
GLU C   O    doub N N 95  
GLU C   OXT  sing N N 96  
GLU CB  CG   sing N N 97  
GLU CB  HB2  sing N N 98  
GLU CB  HB3  sing N N 99  
GLU CG  CD   sing N N 100 
GLU CG  HG2  sing N N 101 
GLU CG  HG3  sing N N 102 
GLU CD  OE1  doub N N 103 
GLU CD  OE2  sing N N 104 
GLU OE2 HE2  sing N N 105 
GLU OXT HXT  sing N N 106 
GLY N   CA   sing N N 107 
GLY N   H    sing N N 108 
GLY N   H2   sing N N 109 
GLY CA  C    sing N N 110 
GLY CA  HA2  sing N N 111 
GLY CA  HA3  sing N N 112 
GLY C   O    doub N N 113 
GLY C   OXT  sing N N 114 
GLY OXT HXT  sing N N 115 
HIS N   CA   sing N N 116 
HIS N   H    sing N N 117 
HIS N   H2   sing N N 118 
HIS CA  C    sing N N 119 
HIS CA  CB   sing N N 120 
HIS CA  HA   sing N N 121 
HIS C   O    doub N N 122 
HIS C   OXT  sing N N 123 
HIS CB  CG   sing N N 124 
HIS CB  HB2  sing N N 125 
HIS CB  HB3  sing N N 126 
HIS CG  ND1  sing Y N 127 
HIS CG  CD2  doub Y N 128 
HIS ND1 CE1  doub Y N 129 
HIS ND1 HD1  sing N N 130 
HIS CD2 NE2  sing Y N 131 
HIS CD2 HD2  sing N N 132 
HIS CE1 NE2  sing Y N 133 
HIS CE1 HE1  sing N N 134 
HIS NE2 HE2  sing N N 135 
HIS OXT HXT  sing N N 136 
HOH O   H1   sing N N 137 
HOH O   H2   sing N N 138 
ILE N   CA   sing N N 139 
ILE N   H    sing N N 140 
ILE N   H2   sing N N 141 
ILE CA  C    sing N N 142 
ILE CA  CB   sing N N 143 
ILE CA  HA   sing N N 144 
ILE C   O    doub N N 145 
ILE C   OXT  sing N N 146 
ILE CB  CG1  sing N N 147 
ILE CB  CG2  sing N N 148 
ILE CB  HB   sing N N 149 
ILE CG1 CD1  sing N N 150 
ILE CG1 HG12 sing N N 151 
ILE CG1 HG13 sing N N 152 
ILE CG2 HG21 sing N N 153 
ILE CG2 HG22 sing N N 154 
ILE CG2 HG23 sing N N 155 
ILE CD1 HD11 sing N N 156 
ILE CD1 HD12 sing N N 157 
ILE CD1 HD13 sing N N 158 
ILE OXT HXT  sing N N 159 
LEU N   CA   sing N N 160 
LEU N   H    sing N N 161 
LEU N   H2   sing N N 162 
LEU CA  C    sing N N 163 
LEU CA  CB   sing N N 164 
LEU CA  HA   sing N N 165 
LEU C   O    doub N N 166 
LEU C   OXT  sing N N 167 
LEU CB  CG   sing N N 168 
LEU CB  HB2  sing N N 169 
LEU CB  HB3  sing N N 170 
LEU CG  CD1  sing N N 171 
LEU CG  CD2  sing N N 172 
LEU CG  HG   sing N N 173 
LEU CD1 HD11 sing N N 174 
LEU CD1 HD12 sing N N 175 
LEU CD1 HD13 sing N N 176 
LEU CD2 HD21 sing N N 177 
LEU CD2 HD22 sing N N 178 
LEU CD2 HD23 sing N N 179 
LEU OXT HXT  sing N N 180 
LYS N   CA   sing N N 181 
LYS N   H    sing N N 182 
LYS N   H2   sing N N 183 
LYS CA  C    sing N N 184 
LYS CA  CB   sing N N 185 
LYS CA  HA   sing N N 186 
LYS C   O    doub N N 187 
LYS C   OXT  sing N N 188 
LYS CB  CG   sing N N 189 
LYS CB  HB2  sing N N 190 
LYS CB  HB3  sing N N 191 
LYS CG  CD   sing N N 192 
LYS CG  HG2  sing N N 193 
LYS CG  HG3  sing N N 194 
LYS CD  CE   sing N N 195 
LYS CD  HD2  sing N N 196 
LYS CD  HD3  sing N N 197 
LYS CE  NZ   sing N N 198 
LYS CE  HE2  sing N N 199 
LYS CE  HE3  sing N N 200 
LYS NZ  HZ1  sing N N 201 
LYS NZ  HZ2  sing N N 202 
LYS NZ  HZ3  sing N N 203 
LYS OXT HXT  sing N N 204 
MSE N   CA   sing N N 205 
MSE N   H    sing N N 206 
MSE N   H2   sing N N 207 
MSE CA  C    sing N N 208 
MSE CA  CB   sing N N 209 
MSE CA  HA   sing N N 210 
MSE C   O    doub N N 211 
MSE C   OXT  sing N N 212 
MSE OXT HXT  sing N N 213 
MSE CB  CG   sing N N 214 
MSE CB  HB2  sing N N 215 
MSE CB  HB3  sing N N 216 
MSE CG  SE   sing N N 217 
MSE CG  HG2  sing N N 218 
MSE CG  HG3  sing N N 219 
MSE SE  CE   sing N N 220 
MSE CE  HE1  sing N N 221 
MSE CE  HE2  sing N N 222 
MSE CE  HE3  sing N N 223 
PHE N   CA   sing N N 224 
PHE N   H    sing N N 225 
PHE N   H2   sing N N 226 
PHE CA  C    sing N N 227 
PHE CA  CB   sing N N 228 
PHE CA  HA   sing N N 229 
PHE C   O    doub N N 230 
PHE C   OXT  sing N N 231 
PHE CB  CG   sing N N 232 
PHE CB  HB2  sing N N 233 
PHE CB  HB3  sing N N 234 
PHE CG  CD1  doub Y N 235 
PHE CG  CD2  sing Y N 236 
PHE CD1 CE1  sing Y N 237 
PHE CD1 HD1  sing N N 238 
PHE CD2 CE2  doub Y N 239 
PHE CD2 HD2  sing N N 240 
PHE CE1 CZ   doub Y N 241 
PHE CE1 HE1  sing N N 242 
PHE CE2 CZ   sing Y N 243 
PHE CE2 HE2  sing N N 244 
PHE CZ  HZ   sing N N 245 
PHE OXT HXT  sing N N 246 
PRO N   CA   sing N N 247 
PRO N   CD   sing N N 248 
PRO N   H    sing N N 249 
PRO CA  C    sing N N 250 
PRO CA  CB   sing N N 251 
PRO CA  HA   sing N N 252 
PRO C   O    doub N N 253 
PRO C   OXT  sing N N 254 
PRO CB  CG   sing N N 255 
PRO CB  HB2  sing N N 256 
PRO CB  HB3  sing N N 257 
PRO CG  CD   sing N N 258 
PRO CG  HG2  sing N N 259 
PRO CG  HG3  sing N N 260 
PRO CD  HD2  sing N N 261 
PRO CD  HD3  sing N N 262 
PRO OXT HXT  sing N N 263 
SER N   CA   sing N N 264 
SER N   H    sing N N 265 
SER N   H2   sing N N 266 
SER CA  C    sing N N 267 
SER CA  CB   sing N N 268 
SER CA  HA   sing N N 269 
SER C   O    doub N N 270 
SER C   OXT  sing N N 271 
SER CB  OG   sing N N 272 
SER CB  HB2  sing N N 273 
SER CB  HB3  sing N N 274 
SER OG  HG   sing N N 275 
SER OXT HXT  sing N N 276 
SO4 S   O1   doub N N 277 
SO4 S   O2   doub N N 278 
SO4 S   O3   sing N N 279 
SO4 S   O4   sing N N 280 
THR N   CA   sing N N 281 
THR N   H    sing N N 282 
THR N   H2   sing N N 283 
THR CA  C    sing N N 284 
THR CA  CB   sing N N 285 
THR CA  HA   sing N N 286 
THR C   O    doub N N 287 
THR C   OXT  sing N N 288 
THR CB  OG1  sing N N 289 
THR CB  CG2  sing N N 290 
THR CB  HB   sing N N 291 
THR OG1 HG1  sing N N 292 
THR CG2 HG21 sing N N 293 
THR CG2 HG22 sing N N 294 
THR CG2 HG23 sing N N 295 
THR OXT HXT  sing N N 296 
VAL N   CA   sing N N 297 
VAL N   H    sing N N 298 
VAL N   H2   sing N N 299 
VAL CA  C    sing N N 300 
VAL CA  CB   sing N N 301 
VAL CA  HA   sing N N 302 
VAL C   O    doub N N 303 
VAL C   OXT  sing N N 304 
VAL CB  CG1  sing N N 305 
VAL CB  CG2  sing N N 306 
VAL CB  HB   sing N N 307 
VAL CG1 HG11 sing N N 308 
VAL CG1 HG12 sing N N 309 
VAL CG1 HG13 sing N N 310 
VAL CG2 HG21 sing N N 311 
VAL CG2 HG22 sing N N 312 
VAL CG2 HG23 sing N N 313 
VAL OXT HXT  sing N N 314 
# 
_atom_sites.entry_id                    3CTV 
_atom_sites.fract_transf_matrix[1][1]   0.00981502 
_atom_sites.fract_transf_matrix[1][2]   -0.00060676 
_atom_sites.fract_transf_matrix[1][3]   0.00066173 
_atom_sites.fract_transf_matrix[2][1]   0.00035038 
_atom_sites.fract_transf_matrix[2][2]   -0.00409965 
_atom_sites.fract_transf_matrix[2][3]   -0.00895605 
_atom_sites.fract_transf_matrix[3][1]   0.00082661 
_atom_sites.fract_transf_matrix[3][2]   0.00894234 
_atom_sites.fract_transf_matrix[3][3]   -0.00406103 
_atom_sites.fract_transf_vector[1]      0.684728 
_atom_sites.fract_transf_vector[2]      0.637406 
_atom_sites.fract_transf_vector[3]      0.436748 
# 
loop_
_atom_type.symbol 
C  
N  
O  
S  
SE 
# 
loop_
_atom_site.group_PDB 
_atom_site.id 
_atom_site.type_symbol 
_atom_site.label_atom_id 
_atom_site.label_alt_id 
_atom_site.label_comp_id 
_atom_site.label_asym_id 
_atom_site.label_entity_id 
_atom_site.label_seq_id 
_atom_site.pdbx_PDB_ins_code 
_atom_site.Cartn_x 
_atom_site.Cartn_y 
_atom_site.Cartn_z 
_atom_site.occupancy 
_atom_site.B_iso_or_equiv 
_atom_site.pdbx_formal_charge 
_atom_site.auth_seq_id 
_atom_site.auth_comp_id 
_atom_site.auth_asym_id 
_atom_site.auth_atom_id 
_atom_site.pdbx_PDB_model_num 
ATOM   1   N  N   . LYS A 1 17  ? 2.400   12.205  16.500  1.00 87.89  ? 15  LYS A N   1 
ATOM   2   C  CA  . LYS A 1 17  ? 3.761   11.663  16.596  1.00 94.71  ? 15  LYS A CA  1 
ATOM   3   C  C   . LYS A 1 17  ? 3.955   10.474  15.661  1.00 88.60  ? 15  LYS A C   1 
ATOM   4   O  O   . LYS A 1 17  ? 3.219   9.485   15.751  1.00 86.90  ? 15  LYS A O   1 
ATOM   5   C  CB  . LYS A 1 17  ? 4.068   11.213  18.027  1.00 98.78  ? 15  LYS A CB  1 
ATOM   6   C  CG  . LYS A 1 17  ? 3.283   9.988   18.466  1.00 90.42  ? 15  LYS A CG  1 
ATOM   7   C  CD  . LYS A 1 17  ? 3.734   9.497   19.812  1.00 92.59  ? 15  LYS A CD  1 
ATOM   8   C  CE  . LYS A 1 17  ? 2.721   8.513   20.373  1.00 106.05 ? 15  LYS A CE  1 
ATOM   9   N  NZ  . LYS A 1 17  ? 3.018   8.150   21.788  1.00 108.00 ? 15  LYS A NZ  1 
ATOM   10  N  N   . ILE A 1 18  ? 4.952   10.544  14.784  1.00 82.58  ? 16  ILE A N   1 
ATOM   11  C  CA  . ILE A 1 18  ? 5.067   9.511   13.756  1.00 83.86  ? 16  ILE A CA  1 
ATOM   12  C  C   . ILE A 1 18  ? 6.143   8.442   13.983  1.00 82.99  ? 16  ILE A C   1 
ATOM   13  O  O   . ILE A 1 18  ? 7.229   8.716   14.506  1.00 83.44  ? 16  ILE A O   1 
ATOM   14  C  CB  . ILE A 1 18  ? 5.254   10.103  12.355  1.00 75.80  ? 16  ILE A CB  1 
ATOM   15  C  CG1 . ILE A 1 18  ? 6.734   10.361  12.121  1.00 72.37  ? 16  ILE A CG1 1 
ATOM   16  C  CG2 . ILE A 1 18  ? 4.361   11.334  12.172  1.00 75.75  ? 16  ILE A CG2 1 
ATOM   17  C  CD1 . ILE A 1 18  ? 7.218   9.851   10.802  1.00 74.20  ? 16  ILE A CD1 1 
ATOM   18  N  N   . ASN A 1 19  ? 5.816   7.222   13.563  1.00 80.10  ? 17  ASN A N   1 
ATOM   19  C  CA  . ASN A 1 19  ? 6.714   6.085   13.661  1.00 72.78  ? 17  ASN A CA  1 
ATOM   20  C  C   . ASN A 1 19  ? 7.434   5.842   12.369  1.00 68.90  ? 17  ASN A C   1 
ATOM   21  O  O   . ASN A 1 19  ? 7.060   6.364   11.322  1.00 66.46  ? 17  ASN A O   1 
ATOM   22  C  CB  . ASN A 1 19  ? 5.933   4.823   14.004  1.00 74.42  ? 17  ASN A CB  1 
ATOM   23  C  CG  . ASN A 1 19  ? 5.207   4.943   15.311  1.00 83.64  ? 17  ASN A CG  1 
ATOM   24  O  OD1 . ASN A 1 19  ? 5.820   5.149   16.364  1.00 82.78  ? 17  ASN A OD1 1 
ATOM   25  N  ND2 . ASN A 1 19  ? 3.886   4.837   15.257  1.00 80.83  ? 17  ASN A ND2 1 
ATOM   26  N  N   . PRO A 1 20  ? 8.459   4.997   12.432  1.00 69.44  ? 18  PRO A N   1 
ATOM   27  C  CA  . PRO A 1 20  ? 9.163   4.657   11.200  1.00 67.31  ? 18  PRO A CA  1 
ATOM   28  C  C   . PRO A 1 20  ? 8.213   3.838   10.372  1.00 61.97  ? 18  PRO A C   1 
ATOM   29  O  O   . PRO A 1 20  ? 8.267   3.883   9.149   1.00 62.45  ? 18  PRO A O   1 
ATOM   30  C  CB  . PRO A 1 20  ? 10.324  3.782   11.683  1.00 69.28  ? 18  PRO A CB  1 
ATOM   31  C  CG  . PRO A 1 20  ? 10.292  3.857   13.205  1.00 74.17  ? 18  PRO A CG  1 
ATOM   32  C  CD  . PRO A 1 20  ? 8.894   4.185   13.574  1.00 69.00  ? 18  PRO A CD  1 
HETATM 33  N  N   . MSE A 1 21  ? 7.332   3.106   11.045  1.00 59.12  ? 19  MSE A N   1 
HETATM 34  C  CA  . MSE A 1 21  ? 6.463   2.189   10.344  1.00 59.98  ? 19  MSE A CA  1 
HETATM 35  C  C   . MSE A 1 21  ? 5.418   2.899   9.505   1.00 61.91  ? 19  MSE A C   1 
HETATM 36  O  O   . MSE A 1 21  ? 4.903   2.351   8.526   1.00 58.75  ? 19  MSE A O   1 
HETATM 37  C  CB  . MSE A 1 21  ? 5.796   1.219   11.301  1.00 60.77  ? 19  MSE A CB  1 
HETATM 38  C  CG  . MSE A 1 21  ? 5.049   0.126   10.575  1.00 66.59  ? 19  MSE A CG  1 
HETATM 39  SE SE  . MSE A 1 21  ? 6.207   -1.182  9.652   0.97 75.78  ? 19  MSE A SE  1 
HETATM 40  C  CE  . MSE A 1 21  ? 7.502   -0.006  8.783   1.00 62.90  ? 19  MSE A CE  1 
ATOM   41  N  N   . ASP A 1 22  ? 5.110   4.126   9.890   1.00 62.49  ? 20  ASP A N   1 
ATOM   42  C  CA  . ASP A 1 22  ? 4.139   4.923   9.160   1.00 59.17  ? 20  ASP A CA  1 
ATOM   43  C  C   . ASP A 1 22  ? 4.635   5.205   7.749   1.00 61.19  ? 20  ASP A C   1 
ATOM   44  O  O   . ASP A 1 22  ? 3.850   5.359   6.813   1.00 56.56  ? 20  ASP A O   1 
ATOM   45  C  CB  . ASP A 1 22  ? 3.888   6.221   9.902   1.00 60.96  ? 20  ASP A CB  1 
ATOM   46  C  CG  . ASP A 1 22  ? 3.353   5.986   11.291  1.00 68.76  ? 20  ASP A CG  1 
ATOM   47  O  OD1 . ASP A 1 22  ? 2.965   4.833   11.579  1.00 70.07  ? 20  ASP A OD1 1 
ATOM   48  O  OD2 . ASP A 1 22  ? 3.316   6.942   12.092  1.00 68.08  ? 20  ASP A OD2 1 
ATOM   49  N  N   . PHE A 1 23  ? 5.951   5.249   7.601   1.00 60.23  ? 21  PHE A N   1 
ATOM   50  C  CA  . PHE A 1 23  ? 6.541   5.506   6.310   1.00 54.34  ? 21  PHE A CA  1 
ATOM   51  C  C   . PHE A 1 23  ? 6.340   4.368   5.333   1.00 55.74  ? 21  PHE A C   1 
ATOM   52  O  O   . PHE A 1 23  ? 6.213   4.583   4.128   1.00 54.95  ? 21  PHE A O   1 
ATOM   53  C  CB  . PHE A 1 23  ? 8.009   5.839   6.472   1.00 57.39  ? 21  PHE A CB  1 
ATOM   54  C  CG  . PHE A 1 23  ? 8.259   7.295   6.707   1.00 64.38  ? 21  PHE A CG  1 
ATOM   55  C  CD1 . PHE A 1 23  ? 8.411   8.162   5.632   1.00 61.55  ? 21  PHE A CD1 1 
ATOM   56  C  CD2 . PHE A 1 23  ? 8.311   7.808   7.998   1.00 62.12  ? 21  PHE A CD2 1 
ATOM   57  C  CE1 . PHE A 1 23  ? 8.635   9.499   5.834   1.00 59.79  ? 21  PHE A CE1 1 
ATOM   58  C  CE2 . PHE A 1 23  ? 8.534   9.155   8.204   1.00 63.92  ? 21  PHE A CE2 1 
ATOM   59  C  CZ  . PHE A 1 23  ? 8.695   10.001  7.123   1.00 62.41  ? 21  PHE A CZ  1 
ATOM   60  N  N   . THR A 1 24  ? 6.292   3.146   5.825   1.00 53.65  ? 22  THR A N   1 
ATOM   61  C  CA  . THR A 1 24  ? 5.978   2.079   4.892   1.00 59.59  ? 22  THR A CA  1 
ATOM   62  C  C   . THR A 1 24  ? 4.467   1.965   4.684   1.00 57.95  ? 22  THR A C   1 
ATOM   63  O  O   . THR A 1 24  ? 4.012   1.536   3.629   1.00 61.06  ? 22  THR A O   1 
ATOM   64  C  CB  . THR A 1 24  ? 6.619   0.728   5.286   1.00 67.24  ? 22  THR A CB  1 
ATOM   65  O  OG1 . THR A 1 24  ? 5.673   -0.087  5.993   1.00 68.55  ? 22  THR A OG1 1 
ATOM   66  C  CG2 . THR A 1 24  ? 7.889   0.958   6.113   1.00 58.39  ? 22  THR A CG2 1 
ATOM   67  N  N   . PHE A 1 25  ? 3.690   2.373   5.680   1.00 58.35  ? 23  PHE A N   1 
ATOM   68  C  CA  . PHE A 1 25  ? 2.254   2.453   5.499   1.00 56.74  ? 23  PHE A CA  1 
ATOM   69  C  C   . PHE A 1 25  ? 1.899   3.409   4.367   1.00 55.58  ? 23  PHE A C   1 
ATOM   70  O  O   . PHE A 1 25  ? 1.026   3.126   3.557   1.00 59.81  ? 23  PHE A O   1 
ATOM   71  C  CB  . PHE A 1 25  ? 1.579   2.898   6.781   1.00 57.46  ? 23  PHE A CB  1 
ATOM   72  C  CG  . PHE A 1 25  ? 1.529   1.840   7.820   1.00 66.32  ? 23  PHE A CG  1 
ATOM   73  C  CD1 . PHE A 1 25  ? 1.772   0.521   7.483   1.00 67.82  ? 23  PHE A CD1 1 
ATOM   74  C  CD2 . PHE A 1 25  ? 1.208   2.146   9.134   1.00 71.22  ? 23  PHE A CD2 1 
ATOM   75  C  CE1 . PHE A 1 25  ? 1.717   -0.474  8.447   1.00 71.69  ? 23  PHE A CE1 1 
ATOM   76  C  CE2 . PHE A 1 25  ? 1.153   1.158   10.102  1.00 70.14  ? 23  PHE A CE2 1 
ATOM   77  C  CZ  . PHE A 1 25  ? 1.405   -0.153  9.758   1.00 72.97  ? 23  PHE A CZ  1 
ATOM   78  N  N   . VAL A 1 26  ? 2.578   4.545   4.306   1.00 52.23  ? 24  VAL A N   1 
ATOM   79  C  CA  . VAL A 1 26  ? 2.297   5.520   3.267   1.00 52.96  ? 24  VAL A CA  1 
ATOM   80  C  C   . VAL A 1 26  ? 2.856   5.077   1.915   1.00 55.21  ? 24  VAL A C   1 
ATOM   81  O  O   . VAL A 1 26  ? 2.241   5.310   0.876   1.00 53.96  ? 24  VAL A O   1 
ATOM   82  C  CB  . VAL A 1 26  ? 2.866   6.895   3.615   1.00 53.20  ? 24  VAL A CB  1 
ATOM   83  C  CG1 . VAL A 1 26  ? 2.812   7.791   2.405   1.00 50.99  ? 24  VAL A CG1 1 
ATOM   84  C  CG2 . VAL A 1 26  ? 2.102   7.511   4.769   1.00 51.84  ? 24  VAL A CG2 1 
ATOM   85  N  N   . GLU A 1 27  ? 4.024   4.442   1.935   1.00 56.05  ? 25  GLU A N   1 
ATOM   86  C  CA  . GLU A 1 27  ? 4.632   3.927   0.717   1.00 50.73  ? 25  GLU A CA  1 
ATOM   87  C  C   . GLU A 1 27  ? 3.651   2.936   0.153   1.00 53.01  ? 25  GLU A C   1 
ATOM   88  O  O   . GLU A 1 27  ? 3.330   2.943   -1.031  1.00 53.57  ? 25  GLU A O   1 
ATOM   89  C  CB  . GLU A 1 27  ? 5.941   3.214   1.035   1.00 51.31  ? 25  GLU A CB  1 
ATOM   90  C  CG  . GLU A 1 27  ? 6.971   3.273   -0.079  1.00 56.35  ? 25  GLU A CG  1 
ATOM   91  C  CD  . GLU A 1 27  ? 8.079   2.261   0.105   1.00 56.79  ? 25  GLU A CD  1 
ATOM   92  O  OE1 . GLU A 1 27  ? 7.757   1.082   0.370   1.00 58.69  ? 25  GLU A OE1 1 
ATOM   93  O  OE2 . GLU A 1 27  ? 9.263   2.642   -0.016  1.00 52.76  ? 25  GLU A OE2 1 
ATOM   94  N  N   . ILE A 1 28  ? 3.146   2.088   1.027   1.00 49.78  ? 26  ILE A N   1 
ATOM   95  C  CA  . ILE A 1 28  ? 2.247   1.060   0.573   1.00 55.49  ? 26  ILE A CA  1 
ATOM   96  C  C   . ILE A 1 28  ? 1.078   1.634   -0.199  1.00 55.33  ? 26  ILE A C   1 
ATOM   97  O  O   . ILE A 1 28  ? 0.834   1.222   -1.321  1.00 59.13  ? 26  ILE A O   1 
ATOM   98  C  CB  . ILE A 1 28  ? 1.742   0.187   1.716   1.00 57.85  ? 26  ILE A CB  1 
ATOM   99  C  CG1 . ILE A 1 28  ? 2.809   -0.839  2.083   1.00 60.33  ? 26  ILE A CG1 1 
ATOM   100 C  CG2 . ILE A 1 28  ? 0.483   -0.545  1.300   1.00 54.95  ? 26  ILE A CG2 1 
ATOM   101 C  CD1 . ILE A 1 28  ? 2.593   -1.473  3.428   1.00 67.92  ? 26  ILE A CD1 1 
ATOM   102 N  N   . ASN A 1 29  ? 0.348   2.582   0.372   1.00 55.20  ? 27  ASN A N   1 
ATOM   103 C  CA  . ASN A 1 29  ? -0.837  3.028   -0.346  1.00 60.55  ? 27  ASN A CA  1 
ATOM   104 C  C   . ASN A 1 29  ? -0.484  3.916   -1.532  1.00 57.13  ? 27  ASN A C   1 
ATOM   105 O  O   . ASN A 1 29  ? -1.293  4.092   -2.437  1.00 59.11  ? 27  ASN A O   1 
ATOM   106 C  CB  . ASN A 1 29  ? -1.911  3.632   0.571   1.00 62.62  ? 27  ASN A CB  1 
ATOM   107 C  CG  . ASN A 1 29  ? -1.611  5.039   0.961   1.00 63.44  ? 27  ASN A CG  1 
ATOM   108 O  OD1 . ASN A 1 29  ? -0.457  5.459   0.936   1.00 66.59  ? 27  ASN A OD1 1 
ATOM   109 N  ND2 . ASN A 1 29  ? -2.644  5.787   1.328   1.00 59.25  ? 27  ASN A ND2 1 
ATOM   110 N  N   . GLU A 1 30  ? 0.730   4.454   -1.534  1.00 53.95  ? 28  GLU A N   1 
ATOM   111 C  CA  . GLU A 1 30  ? 1.275   5.003   -2.758  1.00 53.10  ? 28  GLU A CA  1 
ATOM   112 C  C   . GLU A 1 30  ? 1.208   3.898   -3.785  1.00 56.12  ? 28  GLU A C   1 
ATOM   113 O  O   . GLU A 1 30  ? 0.629   4.048   -4.862  1.00 57.91  ? 28  GLU A O   1 
ATOM   114 C  CB  . GLU A 1 30  ? 2.733   5.408   -2.573  1.00 53.46  ? 28  GLU A CB  1 
ATOM   115 C  CG  . GLU A 1 30  ? 2.926   6.686   -1.822  1.00 54.51  ? 28  GLU A CG  1 
ATOM   116 C  CD  . GLU A 1 30  ? 1.956   7.750   -2.263  1.00 57.54  ? 28  GLU A CD  1 
ATOM   117 O  OE1 . GLU A 1 30  ? 2.419   8.782   -2.783  1.00 54.39  ? 28  GLU A OE1 1 
ATOM   118 O  OE2 . GLU A 1 30  ? 0.731   7.556   -2.095  1.00 59.99  ? 28  GLU A OE2 1 
ATOM   119 N  N   . ALA A 1 31  ? 1.814   2.772   -3.436  1.00 54.28  ? 29  ALA A N   1 
ATOM   120 C  CA  . ALA A 1 31  ? 1.859   1.637   -4.328  1.00 54.33  ? 29  ALA A CA  1 
ATOM   121 C  C   . ALA A 1 31  ? 0.453   1.241   -4.701  1.00 56.68  ? 29  ALA A C   1 
ATOM   122 O  O   . ALA A 1 31  ? 0.122   1.133   -5.876  1.00 60.51  ? 29  ALA A O   1 
ATOM   123 C  CB  . ALA A 1 31  ? 2.576   0.472   -3.660  1.00 60.72  ? 29  ALA A CB  1 
ATOM   124 N  N   . VAL A 1 32  ? -0.375  1.027   -3.688  1.00 55.66  ? 30  VAL A N   1 
ATOM   125 C  CA  . VAL A 1 32  ? -1.725  0.553   -3.910  1.00 58.33  ? 30  VAL A CA  1 
ATOM   126 C  C   . VAL A 1 32  ? -2.415  1.380   -4.961  1.00 58.23  ? 30  VAL A C   1 
ATOM   127 O  O   . VAL A 1 32  ? -2.948  0.849   -5.925  1.00 62.04  ? 30  VAL A O   1 
ATOM   128 C  CB  . VAL A 1 32  ? -2.549  0.568   -2.623  1.00 60.49  ? 30  VAL A CB  1 
ATOM   129 C  CG1 . VAL A 1 32  ? -4.033  0.512   -2.942  1.00 62.27  ? 30  VAL A CG1 1 
ATOM   130 C  CG2 . VAL A 1 32  ? -2.138  -0.610  -1.749  1.00 62.53  ? 30  VAL A CG2 1 
ATOM   131 N  N   . LYS A 1 33  ? -2.382  2.689   -4.782  1.00 57.36  ? 31  LYS A N   1 
ATOM   132 C  CA  . LYS A 1 33  ? -3.123  3.573   -5.657  1.00 59.41  ? 31  LYS A CA  1 
ATOM   133 C  C   . LYS A 1 33  ? -2.597  3.566   -7.083  1.00 60.37  ? 31  LYS A C   1 
ATOM   134 O  O   . LYS A 1 33  ? -3.376  3.649   -8.023  1.00 65.65  ? 31  LYS A O   1 
ATOM   135 C  CB  . LYS A 1 33  ? -3.153  4.987   -5.089  1.00 60.58  ? 31  LYS A CB  1 
ATOM   136 C  CG  . LYS A 1 33  ? -3.896  5.071   -3.776  1.00 61.34  ? 31  LYS A CG  1 
ATOM   137 C  CD  . LYS A 1 33  ? -3.722  6.429   -3.143  1.00 62.79  ? 31  LYS A CD  1 
ATOM   138 C  CE  . LYS A 1 33  ? -3.944  6.375   -1.639  1.00 67.81  ? 31  LYS A CE  1 
ATOM   139 N  NZ  . LYS A 1 33  ? -3.403  7.600   -0.971  1.00 66.31  ? 31  LYS A NZ  1 
ATOM   140 N  N   . LEU A 1 34  ? -1.284  3.480   -7.250  1.00 57.04  ? 32  LEU A N   1 
ATOM   141 C  CA  . LEU A 1 34  ? -0.713  3.334   -8.585  1.00 57.77  ? 32  LEU A CA  1 
ATOM   142 C  C   . LEU A 1 34  ? -1.391  2.176   -9.298  1.00 59.07  ? 32  LEU A C   1 
ATOM   143 O  O   . LEU A 1 34  ? -1.839  2.297   -10.436 1.00 58.39  ? 32  LEU A O   1 
ATOM   144 C  CB  . LEU A 1 34  ? 0.770   3.028   -8.475  1.00 58.56  ? 32  LEU A CB  1 
ATOM   145 C  CG  . LEU A 1 34  ? 1.792   4.149   -8.622  1.00 59.89  ? 32  LEU A CG  1 
ATOM   146 C  CD1 . LEU A 1 34  ? 1.168   5.536   -8.833  1.00 55.96  ? 32  LEU A CD1 1 
ATOM   147 C  CD2 . LEU A 1 34  ? 2.721   4.094   -7.421  1.00 56.01  ? 32  LEU A CD2 1 
ATOM   148 N  N   . VAL A 1 35  ? -1.440  1.047   -8.601  1.00 62.29  ? 33  VAL A N   1 
ATOM   149 C  CA  . VAL A 1 35  ? -2.090  -0.169  -9.076  1.00 63.04  ? 33  VAL A CA  1 
ATOM   150 C  C   . VAL A 1 35  ? -3.588  0.062   -9.276  1.00 67.00  ? 33  VAL A C   1 
ATOM   151 O  O   . VAL A 1 35  ? -4.190  -0.465  -10.213 1.00 69.37  ? 33  VAL A O   1 
ATOM   152 C  CB  . VAL A 1 35  ? -1.861  -1.311  -8.073  1.00 62.83  ? 33  VAL A CB  1 
ATOM   153 C  CG1 . VAL A 1 35  ? -2.521  -2.596  -8.539  1.00 62.16  ? 33  VAL A CG1 1 
ATOM   154 C  CG2 . VAL A 1 35  ? -0.375  -1.513  -7.878  1.00 66.28  ? 33  VAL A CG2 1 
ATOM   155 N  N   . GLU A 1 36  ? -4.179  0.862   -8.393  1.00 66.57  ? 34  GLU A N   1 
ATOM   156 C  CA  . GLU A 1 36  ? -5.580  1.257   -8.501  1.00 62.57  ? 34  GLU A CA  1 
ATOM   157 C  C   . GLU A 1 36  ? -5.870  2.079   -9.765  1.00 63.80  ? 34  GLU A C   1 
ATOM   158 O  O   . GLU A 1 36  ? -6.956  1.974   -10.334 1.00 66.81  ? 34  GLU A O   1 
ATOM   159 C  CB  . GLU A 1 36  ? -5.993  2.068   -7.270  1.00 65.90  ? 34  GLU A CB  1 
ATOM   160 C  CG  . GLU A 1 36  ? -6.223  1.267   -6.003  1.00 64.20  ? 34  GLU A CG  1 
ATOM   161 C  CD  . GLU A 1 36  ? -6.933  2.093   -4.952  1.00 62.40  ? 34  GLU A CD  1 
ATOM   162 O  OE1 . GLU A 1 36  ? -6.599  3.287   -4.825  1.00 61.17  ? 34  GLU A OE1 1 
ATOM   163 O  OE2 . GLU A 1 36  ? -7.828  1.560   -4.269  1.00 64.80  ? 34  GLU A OE2 1 
HETATM 164 N  N   . MSE A 1 37  ? -4.913  2.910   -10.184 1.00 63.41  ? 35  MSE A N   1 
HETATM 165 C  CA  . MSE A 1 37  ? -5.076  3.759   -11.365 1.00 61.81  ? 35  MSE A CA  1 
HETATM 166 C  C   . MSE A 1 37  ? -4.500  3.107   -12.603 1.00 63.71  ? 35  MSE A C   1 
HETATM 167 O  O   . MSE A 1 37  ? -4.439  3.726   -13.659 1.00 65.54  ? 35  MSE A O   1 
HETATM 168 C  CB  . MSE A 1 37  ? -4.426  5.127   -11.159 1.00 59.93  ? 35  MSE A CB  1 
HETATM 169 C  CG  . MSE A 1 37  ? -5.145  5.969   -10.125 1.00 68.27  ? 35  MSE A CG  1 
HETATM 170 SE SE  . MSE A 1 37  ? -7.078  6.161   -10.485 0.96 86.86  ? 35  MSE A SE  1 
HETATM 171 C  CE  . MSE A 1 37  ? -7.019  7.475   -11.912 1.00 70.18  ? 35  MSE A CE  1 
ATOM   172 N  N   . GLY A 1 38  ? -4.064  1.857   -12.455 1.00 65.14  ? 36  GLY A N   1 
ATOM   173 C  CA  . GLY A 1 38  ? -3.608  1.043   -13.571 1.00 61.15  ? 36  GLY A CA  1 
ATOM   174 C  C   . GLY A 1 38  ? -2.235  1.357   -14.140 1.00 59.54  ? 36  GLY A C   1 
ATOM   175 O  O   . GLY A 1 38  ? -1.892  0.860   -15.206 1.00 54.25  ? 36  GLY A O   1 
ATOM   176 N  N   . VAL A 1 39  ? -1.438  2.161   -13.437 1.00 64.05  ? 37  VAL A N   1 
ATOM   177 C  CA  . VAL A 1 39  ? -0.145  2.602   -13.981 1.00 64.80  ? 37  VAL A CA  1 
ATOM   178 C  C   . VAL A 1 39  ? 1.022   1.637   -13.705 1.00 62.21  ? 37  VAL A C   1 
ATOM   179 O  O   . VAL A 1 39  ? 2.142   1.851   -14.162 1.00 63.90  ? 37  VAL A O   1 
ATOM   180 C  CB  . VAL A 1 39  ? 0.211   4.044   -13.526 1.00 61.39  ? 37  VAL A CB  1 
ATOM   181 C  CG1 . VAL A 1 39  ? -0.984  4.967   -13.721 1.00 56.54  ? 37  VAL A CG1 1 
ATOM   182 C  CG2 . VAL A 1 39  ? 0.670   4.065   -12.079 1.00 59.40  ? 37  VAL A CG2 1 
ATOM   183 N  N   . ALA A 1 40  ? 0.738   0.560   -12.984 1.00 58.34  ? 38  ALA A N   1 
ATOM   184 C  CA  . ALA A 1 40  ? 1.748   -0.411  -12.600 1.00 64.13  ? 38  ALA A CA  1 
ATOM   185 C  C   . ALA A 1 40  ? 0.991   -1.639  -12.138 1.00 67.20  ? 38  ALA A C   1 
ATOM   186 O  O   . ALA A 1 40  ? -0.226  -1.569  -11.986 1.00 70.74  ? 38  ALA A O   1 
ATOM   187 C  CB  . ALA A 1 40  ? 2.591   0.142   -11.461 1.00 63.18  ? 38  ALA A CB  1 
ATOM   188 N  N   . THR A 1 41  ? 1.683   -2.758  -11.916 1.00 68.52  ? 39  THR A N   1 
ATOM   189 C  CA  . THR A 1 41  ? 1.043   -3.934  -11.297 1.00 72.42  ? 39  THR A CA  1 
ATOM   190 C  C   . THR A 1 41  ? 1.629   -4.196  -9.918  1.00 74.59  ? 39  THR A C   1 
ATOM   191 O  O   . THR A 1 41  ? 2.740   -3.742  -9.625  1.00 75.48  ? 39  THR A O   1 
ATOM   192 C  CB  . THR A 1 41  ? 1.191   -5.223  -12.134 1.00 70.50  ? 39  THR A CB  1 
ATOM   193 O  OG1 . THR A 1 41  ? 2.500   -5.780  -11.949 1.00 72.14  ? 39  THR A OG1 1 
ATOM   194 C  CG2 . THR A 1 41  ? 0.954   -4.939  -13.604 1.00 74.86  ? 39  THR A CG2 1 
ATOM   195 N  N   . PRO A 1 42  ? 0.893   -4.938  -9.068  1.00 71.96  ? 40  PRO A N   1 
ATOM   196 C  CA  . PRO A 1 42  ? 1.428   -5.225  -7.732  1.00 71.50  ? 40  PRO A CA  1 
ATOM   197 C  C   . PRO A 1 42  ? 2.836   -5.820  -7.832  1.00 73.17  ? 40  PRO A C   1 
ATOM   198 O  O   . PRO A 1 42  ? 3.675   -5.635  -6.950  1.00 68.24  ? 40  PRO A O   1 
ATOM   199 C  CB  . PRO A 1 42  ? 0.444   -6.260  -7.185  1.00 72.68  ? 40  PRO A CB  1 
ATOM   200 C  CG  . PRO A 1 42  ? -0.830  -5.981  -7.909  1.00 78.23  ? 40  PRO A CG  1 
ATOM   201 C  CD  . PRO A 1 42  ? -0.414  -5.577  -9.291  1.00 74.29  ? 40  PRO A CD  1 
ATOM   202 N  N   . GLN A 1 43  ? 3.088   -6.508  -8.941  1.00 78.92  ? 41  GLN A N   1 
ATOM   203 C  CA  . GLN A 1 43  ? 4.318   -7.259  -9.152  1.00 74.55  ? 41  GLN A CA  1 
ATOM   204 C  C   . GLN A 1 43  ? 5.547   -6.422  -9.487  1.00 72.54  ? 41  GLN A C   1 
ATOM   205 O  O   . GLN A 1 43  ? 6.541   -6.447  -8.760  1.00 74.00  ? 41  GLN A O   1 
ATOM   206 C  CB  . GLN A 1 43  ? 4.090   -8.289  -10.248 1.00 79.38  ? 41  GLN A CB  1 
ATOM   207 C  CG  . GLN A 1 43  ? 3.974   -9.709  -9.727  1.00 93.72  ? 41  GLN A CG  1 
ATOM   208 C  CD  . GLN A 1 43  ? 5.272   -10.485 -9.900  1.00 104.32 ? 41  GLN A CD  1 
ATOM   209 O  OE1 . GLN A 1 43  ? 5.304   -11.713 -9.755  1.00 107.38 ? 41  GLN A OE1 1 
ATOM   210 N  NE2 . GLN A 1 43  ? 6.350   -9.771  -10.234 1.00 102.13 ? 41  GLN A NE2 1 
ATOM   211 N  N   . ASP A 1 44  ? 5.497   -5.700  -10.596 1.00 71.03  ? 42  ASP A N   1 
ATOM   212 C  CA  . ASP A 1 44  ? 6.649   -4.905  -10.988 1.00 70.92  ? 42  ASP A CA  1 
ATOM   213 C  C   . ASP A 1 44  ? 7.057   -4.034  -9.824  1.00 67.31  ? 42  ASP A C   1 
ATOM   214 O  O   . ASP A 1 44  ? 8.231   -3.749  -9.635  1.00 69.09  ? 42  ASP A O   1 
ATOM   215 C  CB  . ASP A 1 44  ? 6.331   -4.039  -12.198 1.00 75.55  ? 42  ASP A CB  1 
ATOM   216 C  CG  . ASP A 1 44  ? 6.062   -4.857  -13.433 1.00 74.73  ? 42  ASP A CG  1 
ATOM   217 O  OD1 . ASP A 1 44  ? 6.085   -6.100  -13.330 1.00 73.11  ? 42  ASP A OD1 1 
ATOM   218 O  OD2 . ASP A 1 44  ? 5.824   -4.259  -14.498 1.00 77.46  ? 42  ASP A OD2 1 
ATOM   219 N  N   . ILE A 1 45  ? 6.066   -3.618  -9.046  1.00 70.92  ? 43  ILE A N   1 
ATOM   220 C  CA  . ILE A 1 45  ? 6.301   -2.838  -7.838  1.00 67.85  ? 43  ILE A CA  1 
ATOM   221 C  C   . ILE A 1 45  ? 7.082   -3.667  -6.824  1.00 64.71  ? 43  ILE A C   1 
ATOM   222 O  O   . ILE A 1 45  ? 8.218   -3.341  -6.493  1.00 64.97  ? 43  ILE A O   1 
ATOM   223 C  CB  . ILE A 1 45  ? 4.972   -2.345  -7.202  1.00 68.46  ? 43  ILE A CB  1 
ATOM   224 C  CG1 . ILE A 1 45  ? 4.261   -1.340  -8.124  1.00 63.69  ? 43  ILE A CG1 1 
ATOM   225 C  CG2 . ILE A 1 45  ? 5.228   -1.751  -5.824  1.00 65.65  ? 43  ILE A CG2 1 
ATOM   226 C  CD1 . ILE A 1 45  ? 3.139   -0.552  -7.464  1.00 60.35  ? 43  ILE A CD1 1 
ATOM   227 N  N   . ASP A 1 46  ? 6.479   -4.748  -6.346  1.00 68.13  ? 44  ASP A N   1 
ATOM   228 C  CA  . ASP A 1 46  ? 7.131   -5.586  -5.345  1.00 65.64  ? 44  ASP A CA  1 
ATOM   229 C  C   . ASP A 1 46  ? 8.565   -5.943  -5.737  1.00 64.35  ? 44  ASP A C   1 
ATOM   230 O  O   . ASP A 1 46  ? 9.496   -5.754  -4.951  1.00 64.58  ? 44  ASP A O   1 
ATOM   231 C  CB  . ASP A 1 46  ? 6.306   -6.844  -5.041  1.00 64.94  ? 44  ASP A CB  1 
ATOM   232 C  CG  . ASP A 1 46  ? 5.189   -6.582  -4.029  1.00 67.03  ? 44  ASP A CG  1 
ATOM   233 O  OD1 . ASP A 1 46  ? 5.114   -5.451  -3.502  1.00 67.19  ? 44  ASP A OD1 1 
ATOM   234 O  OD2 . ASP A 1 46  ? 4.381   -7.504  -3.762  1.00 66.43  ? 44  ASP A OD2 1 
ATOM   235 N  N   . THR A 1 47  ? 8.749   -6.434  -6.957  1.00 63.03  ? 45  THR A N   1 
ATOM   236 C  CA  . THR A 1 47  ? 10.074  -6.869  -7.377  1.00 64.47  ? 45  THR A CA  1 
ATOM   237 C  C   . THR A 1 47  ? 11.080  -5.726  -7.458  1.00 63.53  ? 45  THR A C   1 
ATOM   238 O  O   . THR A 1 47  ? 12.204  -5.847  -6.983  1.00 63.48  ? 45  THR A O   1 
ATOM   239 C  CB  . THR A 1 47  ? 10.035  -7.596  -8.719  1.00 64.82  ? 45  THR A CB  1 
ATOM   240 O  OG1 . THR A 1 47  ? 9.481   -6.724  -9.712  1.00 73.64  ? 45  THR A OG1 1 
ATOM   241 C  CG2 . THR A 1 47  ? 9.192   -8.853  -8.609  1.00 66.02  ? 45  THR A CG2 1 
ATOM   242 N  N   . ALA A 1 48  ? 10.688  -4.616  -8.060  1.00 58.40  ? 46  ALA A N   1 
ATOM   243 C  CA  . ALA A 1 48  ? 11.624  -3.516  -8.204  1.00 61.81  ? 46  ALA A CA  1 
ATOM   244 C  C   . ALA A 1 48  ? 12.050  -2.995  -6.837  1.00 60.19  ? 46  ALA A C   1 
ATOM   245 O  O   . ALA A 1 48  ? 13.189  -2.581  -6.641  1.00 56.68  ? 46  ALA A O   1 
ATOM   246 C  CB  . ALA A 1 48  ? 11.009  -2.417  -9.027  1.00 59.71  ? 46  ALA A CB  1 
ATOM   247 N  N   . ILE A 1 49  ? 11.110  -3.015  -5.900  1.00 61.65  ? 47  ILE A N   1 
ATOM   248 C  CA  . ILE A 1 49  ? 11.362  -2.602  -4.528  1.00 61.08  ? 47  ILE A CA  1 
ATOM   249 C  C   . ILE A 1 49  ? 12.321  -3.596  -3.891  1.00 62.46  ? 47  ILE A C   1 
ATOM   250 O  O   . ILE A 1 49  ? 13.383  -3.234  -3.390  1.00 58.15  ? 47  ILE A O   1 
ATOM   251 C  CB  . ILE A 1 49  ? 10.049  -2.600  -3.723  1.00 58.60  ? 47  ILE A CB  1 
ATOM   252 C  CG1 . ILE A 1 49  ? 9.161   -1.446  -4.157  1.00 55.36  ? 47  ILE A CG1 1 
ATOM   253 C  CG2 . ILE A 1 49  ? 10.316  -2.495  -2.238  1.00 60.38  ? 47  ILE A CG2 1 
ATOM   254 C  CD1 . ILE A 1 49  ? 9.444   -0.188  -3.411  1.00 55.77  ? 47  ILE A CD1 1 
ATOM   255 N  N   . LYS A 1 50  ? 11.930  -4.862  -3.919  1.00 63.17  ? 48  LYS A N   1 
ATOM   256 C  CA  . LYS A 1 50  ? 12.740  -5.915  -3.333  1.00 65.43  ? 48  LYS A CA  1 
ATOM   257 C  C   . LYS A 1 50  ? 14.134  -5.960  -3.938  1.00 61.95  ? 48  LYS A C   1 
ATOM   258 O  O   . LYS A 1 50  ? 15.130  -6.068  -3.227  1.00 61.91  ? 48  LYS A O   1 
ATOM   259 C  CB  . LYS A 1 50  ? 12.043  -7.262  -3.493  1.00 63.66  ? 48  LYS A CB  1 
ATOM   260 C  CG  . LYS A 1 50  ? 11.089  -7.579  -2.367  1.00 63.11  ? 48  LYS A CG  1 
ATOM   261 C  CD  . LYS A 1 50  ? 10.017  -8.503  -2.853  1.00 66.75  ? 48  LYS A CD  1 
ATOM   262 C  CE  . LYS A 1 50  ? 10.610  -9.657  -3.628  1.00 66.59  ? 48  LYS A CE  1 
ATOM   263 N  NZ  . LYS A 1 50  ? 10.793  -10.834 -2.735  1.00 74.98  ? 48  LYS A NZ  1 
ATOM   264 N  N   . LEU A 1 51  ? 14.200  -5.869  -5.257  1.00 62.49  ? 49  LEU A N   1 
ATOM   265 C  CA  . LEU A 1 51  ? 15.479  -5.925  -5.948  1.00 64.01  ? 49  LEU A CA  1 
ATOM   266 C  C   . LEU A 1 51  ? 16.242  -4.611  -5.775  1.00 61.73  ? 49  LEU A C   1 
ATOM   267 O  O   . LEU A 1 51  ? 17.357  -4.591  -5.257  1.00 61.61  ? 49  LEU A O   1 
ATOM   268 C  CB  . LEU A 1 51  ? 15.283  -6.269  -7.434  1.00 68.34  ? 49  LEU A CB  1 
ATOM   269 C  CG  . LEU A 1 51  ? 15.266  -7.742  -7.908  1.00 74.75  ? 49  LEU A CG  1 
ATOM   270 C  CD1 . LEU A 1 51  ? 14.231  -8.641  -7.212  1.00 69.73  ? 49  LEU A CD1 1 
ATOM   271 C  CD2 . LEU A 1 51  ? 15.084  -7.812  -9.419  1.00 73.64  ? 49  LEU A CD2 1 
ATOM   272 N  N   . GLY A 1 52  ? 15.631  -3.511  -6.193  1.00 64.16  ? 50  GLY A N   1 
ATOM   273 C  CA  . GLY A 1 52  ? 16.274  -2.218  -6.087  1.00 62.33  ? 50  GLY A CA  1 
ATOM   274 C  C   . GLY A 1 52  ? 16.583  -1.841  -4.651  1.00 59.56  ? 50  GLY A C   1 
ATOM   275 O  O   . GLY A 1 52  ? 17.638  -1.292  -4.366  1.00 64.85  ? 50  GLY A O   1 
ATOM   276 N  N   . LEU A 1 53  ? 15.658  -2.137  -3.745  1.00 61.04  ? 51  LEU A N   1 
ATOM   277 C  CA  . LEU A 1 53  ? 15.756  -1.683  -2.359  1.00 60.21  ? 51  LEU A CA  1 
ATOM   278 C  C   . LEU A 1 53  ? 16.361  -2.773  -1.498  1.00 64.17  ? 51  LEU A C   1 
ATOM   279 O  O   . LEU A 1 53  ? 16.577  -2.599  -0.296  1.00 63.24  ? 51  LEU A O   1 
ATOM   280 C  CB  . LEU A 1 53  ? 14.378  -1.275  -1.828  1.00 58.83  ? 51  LEU A CB  1 
ATOM   281 C  CG  . LEU A 1 53  ? 13.915  0.170   -2.085  1.00 61.19  ? 51  LEU A CG  1 
ATOM   282 C  CD1 . LEU A 1 53  ? 14.795  0.911   -3.097  1.00 59.31  ? 51  LEU A CD1 1 
ATOM   283 C  CD2 . LEU A 1 53  ? 12.455  0.227   -2.489  1.00 57.97  ? 51  LEU A CD2 1 
ATOM   284 N  N   . ASN A 1 54  ? 16.641  -3.902  -2.132  1.00 66.38  ? 52  ASN A N   1 
ATOM   285 C  CA  . ASN A 1 54  ? 17.254  -5.019  -1.444  1.00 67.23  ? 52  ASN A CA  1 
ATOM   286 C  C   . ASN A 1 54  ? 16.616  -5.266  -0.080  1.00 70.11  ? 52  ASN A C   1 
ATOM   287 O  O   . ASN A 1 54  ? 17.272  -5.147  0.955   1.00 73.32  ? 52  ASN A O   1 
ATOM   288 C  CB  . ASN A 1 54  ? 18.750  -4.793  -1.297  1.00 66.44  ? 52  ASN A CB  1 
ATOM   289 C  CG  . ASN A 1 54  ? 19.494  -6.071  -1.117  1.00 69.13  ? 52  ASN A CG  1 
ATOM   290 O  OD1 . ASN A 1 54  ? 19.263  -7.035  -1.845  1.00 71.15  ? 52  ASN A OD1 1 
ATOM   291 N  ND2 . ASN A 1 54  ? 20.386  -6.105  -0.142  1.00 69.68  ? 52  ASN A ND2 1 
ATOM   292 N  N   . ARG A 1 55  ? 15.326  -5.591  -0.099  1.00 68.03  ? 53  ARG A N   1 
ATOM   293 C  CA  . ARG A 1 55  ? 14.591  -5.978  1.102   1.00 68.49  ? 53  ARG A CA  1 
ATOM   294 C  C   . ARG A 1 55  ? 13.764  -7.248  0.802   1.00 69.76  ? 53  ARG A C   1 
ATOM   295 O  O   . ARG A 1 55  ? 13.723  -7.703  -0.336  1.00 71.79  ? 53  ARG A O   1 
ATOM   296 C  CB  . ARG A 1 55  ? 13.734  -4.808  1.612   1.00 66.78  ? 53  ARG A CB  1 
ATOM   297 C  CG  . ARG A 1 55  ? 12.814  -4.210  0.575   1.00 66.59  ? 53  ARG A CG  1 
ATOM   298 C  CD  . ARG A 1 55  ? 11.748  -3.287  1.188   1.00 70.55  ? 53  ARG A CD  1 
ATOM   299 N  NE  . ARG A 1 55  ? 12.143  -1.877  1.180   1.00 72.73  ? 53  ARG A NE  1 
ATOM   300 C  CZ  . ARG A 1 55  ? 11.290  -0.855  1.086   1.00 68.29  ? 53  ARG A CZ  1 
ATOM   301 N  NH1 . ARG A 1 55  ? 11.745  0.390   1.083   1.00 61.41  ? 53  ARG A NH1 1 
ATOM   302 N  NH2 . ARG A 1 55  ? 9.981   -1.068  0.992   1.00 66.26  ? 53  ARG A NH2 1 
ATOM   303 N  N   . PRO A 1 56  ? 13.120  -7.838  1.824   1.00 73.85  ? 54  PRO A N   1 
ATOM   304 C  CA  . PRO A 1 56  ? 12.487  -9.159  1.656   1.00 72.86  ? 54  PRO A CA  1 
ATOM   305 C  C   . PRO A 1 56  ? 11.030  -9.136  1.158   1.00 73.32  ? 54  PRO A C   1 
ATOM   306 O  O   . PRO A 1 56  ? 10.600  -10.060 0.456   1.00 69.03  ? 54  PRO A O   1 
ATOM   307 C  CB  . PRO A 1 56  ? 12.521  -9.739  3.080   1.00 75.97  ? 54  PRO A CB  1 
ATOM   308 C  CG  . PRO A 1 56  ? 13.070  -8.626  3.985   1.00 75.58  ? 54  PRO A CG  1 
ATOM   309 C  CD  . PRO A 1 56  ? 12.999  -7.357  3.206   1.00 78.23  ? 54  PRO A CD  1 
ATOM   310 N  N   . PHE A 1 57  ? 10.274  -8.107  1.544   1.00 76.98  ? 55  PHE A N   1 
ATOM   311 C  CA  . PHE A 1 57  ? 8.868   -8.005  1.162   1.00 71.84  ? 55  PHE A CA  1 
ATOM   312 C  C   . PHE A 1 57  ? 8.560   -6.680  0.497   1.00 68.69  ? 55  PHE A C   1 
ATOM   313 O  O   . PHE A 1 57  ? 8.862   -5.605  1.029   1.00 63.17  ? 55  PHE A O   1 
ATOM   314 C  CB  . PHE A 1 57  ? 7.949   -8.261  2.360   1.00 67.35  ? 55  PHE A CB  1 
ATOM   315 C  CG  . PHE A 1 57  ? 8.288   -9.510  3.091   1.00 70.18  ? 55  PHE A CG  1 
ATOM   316 C  CD1 . PHE A 1 57  ? 8.869   -9.455  4.342   1.00 72.00  ? 55  PHE A CD1 1 
ATOM   317 C  CD2 . PHE A 1 57  ? 8.099   -10.746 2.493   1.00 70.56  ? 55  PHE A CD2 1 
ATOM   318 C  CE1 . PHE A 1 57  ? 9.216   -10.609 5.008   1.00 71.18  ? 55  PHE A CE1 1 
ATOM   319 C  CE2 . PHE A 1 57  ? 8.444   -11.908 3.153   1.00 74.19  ? 55  PHE A CE2 1 
ATOM   320 C  CZ  . PHE A 1 57  ? 9.002   -11.838 4.414   1.00 71.41  ? 55  PHE A CZ  1 
ATOM   321 N  N   . GLY A 1 58  ? 7.986   -6.783  -0.695  1.00 67.05  ? 56  GLY A N   1 
ATOM   322 C  CA  . GLY A 1 58  ? 7.556   -5.620  -1.430  1.00 64.66  ? 56  GLY A CA  1 
ATOM   323 C  C   . GLY A 1 58  ? 6.299   -5.098  -0.781  1.00 65.41  ? 56  GLY A C   1 
ATOM   324 O  O   . GLY A 1 58  ? 5.678   -5.795  0.031   1.00 65.46  ? 56  GLY A O   1 
ATOM   325 N  N   . PRO A 1 59  ? 5.928   -3.859  -1.135  1.00 66.88  ? 57  PRO A N   1 
ATOM   326 C  CA  . PRO A 1 59  ? 4.766   -3.100  -0.662  1.00 60.28  ? 57  PRO A CA  1 
ATOM   327 C  C   . PRO A 1 59  ? 3.555   -3.982  -0.414  1.00 61.67  ? 57  PRO A C   1 
ATOM   328 O  O   . PRO A 1 59  ? 2.875   -3.849  0.603   1.00 62.82  ? 57  PRO A O   1 
ATOM   329 C  CB  . PRO A 1 59  ? 4.493   -2.160  -1.831  1.00 61.76  ? 57  PRO A CB  1 
ATOM   330 C  CG  . PRO A 1 59  ? 5.866   -1.900  -2.412  1.00 64.49  ? 57  PRO A CG  1 
ATOM   331 C  CD  . PRO A 1 59  ? 6.729   -3.097  -2.107  1.00 64.04  ? 57  PRO A CD  1 
ATOM   332 N  N   . PHE A 1 60  ? 3.305   -4.897  -1.337  1.00 59.49  ? 58  PHE A N   1 
ATOM   333 C  CA  . PHE A 1 60  ? 2.088   -5.690  -1.301  1.00 63.87  ? 58  PHE A CA  1 
ATOM   334 C  C   . PHE A 1 60  ? 2.137   -6.919  -0.375  1.00 65.95  ? 58  PHE A C   1 
ATOM   335 O  O   . PHE A 1 60  ? 1.177   -7.178  0.348   1.00 65.25  ? 58  PHE A O   1 
ATOM   336 C  CB  . PHE A 1 60  ? 1.663   -6.051  -2.728  1.00 66.30  ? 58  PHE A CB  1 
ATOM   337 C  CG  . PHE A 1 60  ? 1.369   -4.845  -3.599  1.00 69.90  ? 58  PHE A CG  1 
ATOM   338 C  CD1 . PHE A 1 60  ? 2.395   -4.183  -4.270  1.00 68.24  ? 58  PHE A CD1 1 
ATOM   339 C  CD2 . PHE A 1 60  ? 0.068   -4.369  -3.743  1.00 67.71  ? 58  PHE A CD2 1 
ATOM   340 C  CE1 . PHE A 1 60  ? 2.130   -3.077  -5.062  1.00 63.70  ? 58  PHE A CE1 1 
ATOM   341 C  CE2 . PHE A 1 60  ? -0.201  -3.268  -4.532  1.00 65.34  ? 58  PHE A CE2 1 
ATOM   342 C  CZ  . PHE A 1 60  ? 0.834   -2.622  -5.191  1.00 64.91  ? 58  PHE A CZ  1 
ATOM   343 N  N   . GLU A 1 61  ? 3.237   -7.674  -0.389  1.00 67.71  ? 59  GLU A N   1 
ATOM   344 C  CA  . GLU A 1 61  ? 3.368   -8.797  0.533   1.00 66.47  ? 59  GLU A CA  1 
ATOM   345 C  C   . GLU A 1 61  ? 3.379   -8.192  1.904   1.00 64.38  ? 59  GLU A C   1 
ATOM   346 O  O   . GLU A 1 61  ? 2.772   -8.719  2.826   1.00 63.45  ? 59  GLU A O   1 
ATOM   347 C  CB  . GLU A 1 61  ? 4.676   -9.532  0.331   1.00 65.07  ? 59  GLU A CB  1 
ATOM   348 C  CG  . GLU A 1 61  ? 5.134   -9.565  -1.087  1.00 68.30  ? 59  GLU A CG  1 
ATOM   349 C  CD  . GLU A 1 61  ? 6.632   -9.643  -1.167  1.00 72.77  ? 59  GLU A CD  1 
ATOM   350 O  OE1 . GLU A 1 61  ? 7.256   -9.869  -0.109  1.00 74.42  ? 59  GLU A OE1 1 
ATOM   351 O  OE2 . GLU A 1 61  ? 7.184   -9.476  -2.274  1.00 69.83  ? 59  GLU A OE2 1 
ATOM   352 N  N   . LEU A 1 62  ? 4.097   -7.079  2.022   1.00 64.18  ? 60  LEU A N   1 
ATOM   353 C  CA  . LEU A 1 62  ? 4.082   -6.283  3.236   1.00 65.95  ? 60  LEU A CA  1 
ATOM   354 C  C   . LEU A 1 62  ? 2.630   -6.011  3.620   1.00 69.12  ? 60  LEU A C   1 
ATOM   355 O  O   . LEU A 1 62  ? 2.193   -6.346  4.720   1.00 68.71  ? 60  LEU A O   1 
ATOM   356 C  CB  . LEU A 1 62  ? 4.847   -4.971  3.041   1.00 57.72  ? 60  LEU A CB  1 
ATOM   357 C  CG  . LEU A 1 62  ? 6.337   -4.930  3.384   1.00 57.18  ? 60  LEU A CG  1 
ATOM   358 C  CD1 . LEU A 1 62  ? 6.809   -3.493  3.386   1.00 56.02  ? 60  LEU A CD1 1 
ATOM   359 C  CD2 . LEU A 1 62  ? 6.616   -5.563  4.727   1.00 57.15  ? 60  LEU A CD2 1 
ATOM   360 N  N   . ALA A 1 63  ? 1.879   -5.415  2.700   1.00 67.25  ? 61  ALA A N   1 
ATOM   361 C  CA  . ALA A 1 63  ? 0.468   -5.161  2.936   1.00 65.80  ? 61  ALA A CA  1 
ATOM   362 C  C   . ALA A 1 63  ? -0.240  -6.441  3.349   1.00 69.00  ? 61  ALA A C   1 
ATOM   363 O  O   . ALA A 1 63  ? -0.965  -6.448  4.333   1.00 71.17  ? 61  ALA A O   1 
ATOM   364 C  CB  . ALA A 1 63  ? -0.173  -4.581  1.706   1.00 64.74  ? 61  ALA A CB  1 
ATOM   365 N  N   . LYS A 1 64  ? -0.033  -7.524  2.604   1.00 69.57  ? 62  LYS A N   1 
ATOM   366 C  CA  . LYS A 1 64  ? -0.660  -8.797  2.960   1.00 73.36  ? 62  LYS A CA  1 
ATOM   367 C  C   . LYS A 1 64  ? -0.266  -9.207  4.384   1.00 75.94  ? 62  LYS A C   1 
ATOM   368 O  O   . LYS A 1 64  ? -1.129  -9.527  5.214   1.00 77.48  ? 62  LYS A O   1 
ATOM   369 C  CB  . LYS A 1 64  ? -0.341  -9.922  1.954   1.00 69.14  ? 62  LYS A CB  1 
ATOM   370 C  CG  . LYS A 1 64  ? -1.116  -11.224 2.267   1.00 79.48  ? 62  LYS A CG  1 
ATOM   371 C  CD  . LYS A 1 64  ? -0.831  -12.392 1.314   1.00 83.62  ? 62  LYS A CD  1 
ATOM   372 C  CE  . LYS A 1 64  ? -1.675  -13.622 1.681   1.00 80.24  ? 62  LYS A CE  1 
ATOM   373 N  NZ  . LYS A 1 64  ? -1.754  -14.645 0.598   1.00 84.99  ? 62  LYS A NZ  1 
ATOM   374 N  N   . GLN A 1 65  ? 1.036   -9.194  4.657   1.00 72.71  ? 63  GLN A N   1 
ATOM   375 C  CA  . GLN A 1 65  ? 1.533   -9.386  6.015   1.00 71.59  ? 63  GLN A CA  1 
ATOM   376 C  C   . GLN A 1 65  ? 0.690   -8.594  7.017   1.00 73.38  ? 63  GLN A C   1 
ATOM   377 O  O   . GLN A 1 65  ? 0.061   -9.186  7.877   1.00 79.15  ? 63  GLN A O   1 
ATOM   378 C  CB  . GLN A 1 65  ? 3.011   -8.988  6.120   1.00 74.51  ? 63  GLN A CB  1 
ATOM   379 C  CG  . GLN A 1 65  ? 4.012   -10.150 6.223   1.00 70.22  ? 63  GLN A CG  1 
ATOM   380 C  CD  . GLN A 1 65  ? 3.855   -11.157 5.112   1.00 75.58  ? 63  GLN A CD  1 
ATOM   381 O  OE1 . GLN A 1 65  ? 4.727   -11.297 4.250   1.00 75.59  ? 63  GLN A OE1 1 
ATOM   382 N  NE2 . GLN A 1 65  ? 2.727   -11.859 5.113   1.00 81.49  ? 63  GLN A NE2 1 
ATOM   383 N  N   . PHE A 1 66  ? 0.657   -7.267  6.885   1.00 75.16  ? 64  PHE A N   1 
ATOM   384 C  CA  . PHE A 1 66  ? -0.006  -6.376  7.858   1.00 75.73  ? 64  PHE A CA  1 
ATOM   385 C  C   . PHE A 1 66  ? -1.527  -6.457  7.940   1.00 79.64  ? 64  PHE A C   1 
ATOM   386 O  O   . PHE A 1 66  ? -2.094  -6.575  9.032   1.00 81.72  ? 64  PHE A O   1 
ATOM   387 C  CB  . PHE A 1 66  ? 0.348   -4.923  7.570   1.00 77.18  ? 64  PHE A CB  1 
ATOM   388 C  CG  . PHE A 1 66  ? 1.673   -4.522  8.087   1.00 76.12  ? 64  PHE A CG  1 
ATOM   389 C  CD1 . PHE A 1 66  ? 1.914   -4.504  9.448   1.00 77.65  ? 64  PHE A CD1 1 
ATOM   390 C  CD2 . PHE A 1 66  ? 2.685   -4.158  7.214   1.00 76.23  ? 64  PHE A CD2 1 
ATOM   391 C  CE1 . PHE A 1 66  ? 3.148   -4.137  9.939   1.00 81.58  ? 64  PHE A CE1 1 
ATOM   392 C  CE2 . PHE A 1 66  ? 3.926   -3.787  7.687   1.00 79.32  ? 64  PHE A CE2 1 
ATOM   393 C  CZ  . PHE A 1 66  ? 4.162   -3.776  9.057   1.00 85.32  ? 64  PHE A CZ  1 
ATOM   394 N  N   . GLY A 1 67  ? -2.180  -6.333  6.787   1.00 80.75  ? 65  GLY A N   1 
ATOM   395 C  CA  . GLY A 1 67  ? -3.630  -6.298  6.722   1.00 82.92  ? 65  GLY A CA  1 
ATOM   396 C  C   . GLY A 1 67  ? -4.177  -4.955  6.276   1.00 78.95  ? 65  GLY A C   1 
ATOM   397 O  O   . GLY A 1 67  ? -3.771  -3.904  6.781   1.00 76.03  ? 65  GLY A O   1 
ATOM   398 N  N   . ALA A 1 68  ? -5.100  -4.998  5.321   1.00 79.73  ? 66  ALA A N   1 
ATOM   399 C  CA  . ALA A 1 68  ? -5.752  -3.798  4.822   1.00 79.44  ? 66  ALA A CA  1 
ATOM   400 C  C   . ALA A 1 68  ? -6.394  -3.052  5.990   1.00 83.51  ? 66  ALA A C   1 
ATOM   401 O  O   . ALA A 1 68  ? -6.251  -1.837  6.132   1.00 81.54  ? 66  ALA A O   1 
ATOM   402 C  CB  . ALA A 1 68  ? -6.795  -4.171  3.788   1.00 78.16  ? 66  ALA A CB  1 
ATOM   403 N  N   . GLU A 1 69  ? -7.098  -3.807  6.825   1.00 85.20  ? 67  GLU A N   1 
ATOM   404 C  CA  . GLU A 1 69  ? -7.748  -3.284  8.017   1.00 83.48  ? 67  GLU A CA  1 
ATOM   405 C  C   . GLU A 1 69  ? -6.840  -2.367  8.839   1.00 84.71  ? 67  GLU A C   1 
ATOM   406 O  O   . GLU A 1 69  ? -7.204  -1.228  9.142   1.00 84.37  ? 67  GLU A O   1 
ATOM   407 C  CB  . GLU A 1 69  ? -8.240  -4.443  8.891   1.00 84.26  ? 67  GLU A CB  1 
ATOM   408 C  CG  . GLU A 1 69  ? -7.337  -5.674  8.870   1.00 84.53  ? 67  GLU A CG  1 
ATOM   409 C  CD  . GLU A 1 69  ? -7.658  -6.625  7.724   1.00 87.48  ? 67  GLU A CD  1 
ATOM   410 O  OE1 . GLU A 1 69  ? -8.050  -7.773  8.004   1.00 89.59  ? 67  GLU A OE1 1 
ATOM   411 O  OE2 . GLU A 1 69  ? -7.530  -6.240  6.544   1.00 89.03  ? 67  GLU A OE2 1 
ATOM   412 N  N   . GLN A 1 70  ? -5.660  -2.865  9.204   1.00 86.21  ? 68  GLN A N   1 
ATOM   413 C  CA  . GLN A 1 70  ? -4.768  -2.131  10.107  1.00 85.63  ? 68  GLN A CA  1 
ATOM   414 C  C   . GLN A 1 70  ? -4.202  -0.861  9.471   1.00 81.07  ? 68  GLN A C   1 
ATOM   415 O  O   . GLN A 1 70  ? -4.241  0.223   10.062  1.00 78.22  ? 68  GLN A O   1 
ATOM   416 C  CB  . GLN A 1 70  ? -3.631  -3.047  10.619  1.00 90.13  ? 68  GLN A CB  1 
ATOM   417 C  CG  . GLN A 1 70  ? -2.422  -2.311  11.250  1.00 95.66  ? 68  GLN A CG  1 
ATOM   418 C  CD  . GLN A 1 70  ? -1.337  -3.248  11.792  1.00 90.31  ? 68  GLN A CD  1 
ATOM   419 O  OE1 . GLN A 1 70  ? -0.320  -2.792  12.316  1.00 87.61  ? 68  GLN A OE1 1 
ATOM   420 N  NE2 . GLN A 1 70  ? -1.554  -4.555  11.668  1.00 85.66  ? 68  GLN A NE2 1 
ATOM   421 N  N   . ILE A 1 71  ? -3.680  -1.002  8.261   1.00 78.81  ? 69  ILE A N   1 
ATOM   422 C  CA  . ILE A 1 71  ? -2.981  0.095   7.614   1.00 77.64  ? 69  ILE A CA  1 
ATOM   423 C  C   . ILE A 1 71  ? -3.890  1.298   7.398   1.00 74.61  ? 69  ILE A C   1 
ATOM   424 O  O   . ILE A 1 71  ? -3.493  2.441   7.603   1.00 71.06  ? 69  ILE A O   1 
ATOM   425 C  CB  . ILE A 1 71  ? -2.363  -0.369  6.292   1.00 77.56  ? 69  ILE A CB  1 
ATOM   426 C  CG1 . ILE A 1 71  ? -1.226  -1.357  6.586   1.00 75.14  ? 69  ILE A CG1 1 
ATOM   427 C  CG2 . ILE A 1 71  ? -1.864  0.827   5.491   1.00 71.82  ? 69  ILE A CG2 1 
ATOM   428 C  CD1 . ILE A 1 71  ? -1.126  -2.512  5.626   1.00 73.22  ? 69  ILE A CD1 1 
ATOM   429 N  N   . ALA A 1 72  ? -5.121  1.019   6.998   1.00 77.91  ? 70  ALA A N   1 
ATOM   430 C  CA  . ALA A 1 72  ? -6.115  2.054   6.778   1.00 75.39  ? 70  ALA A CA  1 
ATOM   431 C  C   . ALA A 1 72  ? -6.415  2.823   8.057   1.00 74.17  ? 70  ALA A C   1 
ATOM   432 O  O   . ALA A 1 72  ? -6.212  4.035   8.125   1.00 72.02  ? 70  ALA A O   1 
ATOM   433 C  CB  . ALA A 1 72  ? -7.379  1.433   6.229   1.00 77.61  ? 70  ALA A CB  1 
ATOM   434 N  N   . LYS A 1 73  ? -6.909  2.110   9.064   1.00 76.82  ? 71  LYS A N   1 
ATOM   435 C  CA  . LYS A 1 73  ? -7.227  2.717   10.346  1.00 76.91  ? 71  LYS A CA  1 
ATOM   436 C  C   . LYS A 1 73  ? -6.129  3.710   10.713  1.00 74.80  ? 71  LYS A C   1 
ATOM   437 O  O   . LYS A 1 73  ? -6.385  4.816   11.205  1.00 70.09  ? 71  LYS A O   1 
ATOM   438 C  CB  . LYS A 1 73  ? -7.332  1.633   11.413  1.00 76.53  ? 71  LYS A CB  1 
ATOM   439 C  CG  . LYS A 1 73  ? -8.218  2.006   12.584  1.00 86.76  ? 71  LYS A CG  1 
ATOM   440 C  CD  . LYS A 1 73  ? -8.209  0.917   13.657  1.00 91.53  ? 71  LYS A CD  1 
ATOM   441 C  CE  . LYS A 1 73  ? -6.971  1.008   14.552  1.00 93.06  ? 71  LYS A CE  1 
ATOM   442 N  NZ  . LYS A 1 73  ? -7.003  2.179   15.489  1.00 88.29  ? 71  LYS A NZ  1 
ATOM   443 N  N   . ARG A 1 74  ? -4.898  3.301   10.432  1.00 76.85  ? 72  ARG A N   1 
ATOM   444 C  CA  . ARG A 1 74  ? -3.717  4.080   10.770  1.00 74.17  ? 72  ARG A CA  1 
ATOM   445 C  C   . ARG A 1 74  ? -3.544  5.270   9.834   1.00 70.97  ? 72  ARG A C   1 
ATOM   446 O  O   . ARG A 1 74  ? -3.294  6.392   10.280  1.00 69.86  ? 72  ARG A O   1 
ATOM   447 C  CB  . ARG A 1 74  ? -2.474  3.188   10.721  1.00 70.77  ? 72  ARG A CB  1 
ATOM   448 C  CG  . ARG A 1 74  ? -1.185  3.929   11.039  1.00 72.25  ? 72  ARG A CG  1 
ATOM   449 C  CD  . ARG A 1 74  ? -1.357  4.851   12.252  1.00 69.35  ? 72  ARG A CD  1 
ATOM   450 N  NE  . ARG A 1 74  ? -0.151  5.635   12.500  1.00 68.19  ? 72  ARG A NE  1 
ATOM   451 C  CZ  . ARG A 1 74  ? -0.033  6.570   13.437  1.00 65.57  ? 72  ARG A CZ  1 
ATOM   452 N  NH1 . ARG A 1 74  ? -1.056  6.854   14.227  1.00 68.63  ? 72  ARG A NH1 1 
ATOM   453 N  NH2 . ARG A 1 74  ? 1.115   7.222   13.583  1.00 62.00  ? 72  ARG A NH2 1 
ATOM   454 N  N   . LEU A 1 75  ? -3.663  5.008   8.534   1.00 71.26  ? 73  LEU A N   1 
ATOM   455 C  CA  . LEU A 1 75  ? -3.590  6.051   7.516   1.00 68.70  ? 73  LEU A CA  1 
ATOM   456 C  C   . LEU A 1 75  ? -4.653  7.114   7.784   1.00 70.02  ? 73  LEU A C   1 
ATOM   457 O  O   . LEU A 1 75  ? -4.404  8.313   7.623   1.00 66.85  ? 73  LEU A O   1 
ATOM   458 C  CB  . LEU A 1 75  ? -3.779  5.447   6.118   1.00 67.37  ? 73  LEU A CB  1 
ATOM   459 C  CG  . LEU A 1 75  ? -2.555  5.125   5.245   1.00 67.07  ? 73  LEU A CG  1 
ATOM   460 C  CD1 . LEU A 1 75  ? -1.438  4.443   6.036   1.00 70.35  ? 73  LEU A CD1 1 
ATOM   461 C  CD2 . LEU A 1 75  ? -2.931  4.289   4.018   1.00 63.88  ? 73  LEU A CD2 1 
ATOM   462 N  N   . GLU A 1 76  ? -5.841  6.666   8.189   1.00 70.11  ? 74  GLU A N   1 
ATOM   463 C  CA  . GLU A 1 76  ? -6.887  7.591   8.597   1.00 71.49  ? 74  GLU A CA  1 
ATOM   464 C  C   . GLU A 1 76  ? -6.295  8.570   9.581   1.00 69.32  ? 74  GLU A C   1 
ATOM   465 O  O   . GLU A 1 76  ? -6.171  9.760   9.301   1.00 68.58  ? 74  GLU A O   1 
ATOM   466 C  CB  . GLU A 1 76  ? -8.063  6.860   9.245   1.00 71.90  ? 74  GLU A CB  1 
ATOM   467 C  CG  . GLU A 1 76  ? -9.043  6.250   8.255   1.00 73.18  ? 74  GLU A CG  1 
ATOM   468 C  CD  . GLU A 1 76  ? -9.723  7.281   7.356   1.00 79.98  ? 74  GLU A CD  1 
ATOM   469 O  OE1 . GLU A 1 76  ? -10.607 6.872   6.575   1.00 86.57  ? 74  GLU A OE1 1 
ATOM   470 O  OE2 . GLU A 1 76  ? -9.391  8.487   7.419   1.00 76.73  ? 74  GLU A OE2 1 
ATOM   471 N  N   . GLU A 1 77  ? -5.912  8.049   10.734  1.00 69.25  ? 75  GLU A N   1 
ATOM   472 C  CA  . GLU A 1 77  ? -5.308  8.866   11.768  1.00 69.50  ? 75  GLU A CA  1 
ATOM   473 C  C   . GLU A 1 77  ? -4.426  9.981   11.196  1.00 67.49  ? 75  GLU A C   1 
ATOM   474 O  O   . GLU A 1 77  ? -4.598  11.150  11.538  1.00 70.42  ? 75  GLU A O   1 
ATOM   475 C  CB  . GLU A 1 77  ? -4.538  7.975   12.747  1.00 74.86  ? 75  GLU A CB  1 
ATOM   476 C  CG  . GLU A 1 77  ? -5.380  6.816   13.293  1.00 76.38  ? 75  GLU A CG  1 
ATOM   477 C  CD  . GLU A 1 77  ? -4.735  6.086   14.474  1.00 85.61  ? 75  GLU A CD  1 
ATOM   478 O  OE1 . GLU A 1 77  ? -3.865  6.668   15.172  1.00 82.29  ? 75  GLU A OE1 1 
ATOM   479 O  OE2 . GLU A 1 77  ? -5.126  4.922   14.714  1.00 90.52  ? 75  GLU A OE2 1 
ATOM   480 N  N   . LEU A 1 78  ? -3.510  9.619   10.302  1.00 69.38  ? 76  LEU A N   1 
ATOM   481 C  CA  . LEU A 1 78  ? -2.590  10.578  9.687   1.00 66.34  ? 76  LEU A CA  1 
ATOM   482 C  C   . LEU A 1 78  ? -3.251  11.596  8.775   1.00 67.18  ? 76  LEU A C   1 
ATOM   483 O  O   . LEU A 1 78  ? -2.814  12.750  8.694   1.00 65.00  ? 76  LEU A O   1 
ATOM   484 C  CB  . LEU A 1 78  ? -1.532  9.830   8.904   1.00 64.20  ? 76  LEU A CB  1 
ATOM   485 C  CG  . LEU A 1 78  ? -0.745  8.933   9.848   1.00 68.71  ? 76  LEU A CG  1 
ATOM   486 C  CD1 . LEU A 1 78  ? -0.298  7.668   9.157   1.00 66.75  ? 76  LEU A CD1 1 
ATOM   487 C  CD2 . LEU A 1 78  ? 0.428   9.700   10.428  1.00 70.60  ? 76  LEU A CD2 1 
ATOM   488 N  N   . ALA A 1 79  ? -4.285  11.161  8.064   1.00 68.05  ? 77  ALA A N   1 
ATOM   489 C  CA  . ALA A 1 79  ? -5.031  12.065  7.205   1.00 68.87  ? 77  ALA A CA  1 
ATOM   490 C  C   . ALA A 1 79  ? -5.603  13.206  8.045   1.00 70.86  ? 77  ALA A C   1 
ATOM   491 O  O   . ALA A 1 79  ? -5.505  14.376  7.666   1.00 67.31  ? 77  ALA A O   1 
ATOM   492 C  CB  . ALA A 1 79  ? -6.131  11.319  6.466   1.00 68.48  ? 77  ALA A CB  1 
ATOM   493 N  N   . LYS A 1 80  ? -6.178  12.865  9.197   1.00 70.54  ? 78  LYS A N   1 
ATOM   494 C  CA  . LYS A 1 80  ? -6.694  13.882  10.107  1.00 68.52  ? 78  LYS A CA  1 
ATOM   495 C  C   . LYS A 1 80  ? -5.552  14.766  10.571  1.00 68.61  ? 78  LYS A C   1 
ATOM   496 O  O   . LYS A 1 80  ? -5.669  15.985  10.601  1.00 70.73  ? 78  LYS A O   1 
ATOM   497 C  CB  . LYS A 1 80  ? -7.398  13.261  11.322  1.00 70.97  ? 78  LYS A CB  1 
ATOM   498 C  CG  . LYS A 1 80  ? -8.840  12.829  11.078  1.00 75.30  ? 78  LYS A CG  1 
ATOM   499 C  CD  . LYS A 1 80  ? -8.894  11.463  10.399  1.00 80.14  ? 78  LYS A CD  1 
ATOM   500 C  CE  . LYS A 1 80  ? -10.311 11.065  10.012  1.00 86.52  ? 78  LYS A CE  1 
ATOM   501 N  NZ  . LYS A 1 80  ? -11.084 10.547  11.176  1.00 88.32  ? 78  LYS A NZ  1 
ATOM   502 N  N   . GLN A 1 81  ? -4.440  14.144  10.932  1.00 69.31  ? 79  GLN A N   1 
ATOM   503 C  CA  . GLN A 1 81  ? -3.311  14.899  11.447  1.00 71.04  ? 79  GLN A CA  1 
ATOM   504 C  C   . GLN A 1 81  ? -2.797  15.914  10.428  1.00 72.14  ? 79  GLN A C   1 
ATOM   505 O  O   . GLN A 1 81  ? -2.495  17.055  10.788  1.00 65.43  ? 79  GLN A O   1 
ATOM   506 C  CB  . GLN A 1 81  ? -2.180  13.963  11.874  1.00 69.88  ? 79  GLN A CB  1 
ATOM   507 C  CG  . GLN A 1 81  ? -0.838  14.651  11.916  1.00 72.30  ? 79  GLN A CG  1 
ATOM   508 C  CD  . GLN A 1 81  ? -0.017  14.241  13.111  1.00 74.58  ? 79  GLN A CD  1 
ATOM   509 O  OE1 . GLN A 1 81  ? 0.790   15.026  13.619  1.00 76.67  ? 79  GLN A OE1 1 
ATOM   510 N  NE2 . GLN A 1 81  ? -0.223  13.008  13.580  1.00 74.52  ? 79  GLN A NE2 1 
ATOM   511 N  N   . PHE A 1 82  ? -2.713  15.496  9.164   1.00 72.07  ? 80  PHE A N   1 
ATOM   512 C  CA  . PHE A 1 82  ? -2.052  16.302  8.138   1.00 67.52  ? 80  PHE A CA  1 
ATOM   513 C  C   . PHE A 1 82  ? -2.974  16.892  7.080   1.00 67.92  ? 80  PHE A C   1 
ATOM   514 O  O   . PHE A 1 82  ? -2.792  18.035  6.671   1.00 70.52  ? 80  PHE A O   1 
ATOM   515 C  CB  . PHE A 1 82  ? -0.941  15.506  7.457   1.00 65.29  ? 80  PHE A CB  1 
ATOM   516 C  CG  . PHE A 1 82  ? 0.150   15.103  8.384   1.00 68.15  ? 80  PHE A CG  1 
ATOM   517 C  CD1 . PHE A 1 82  ? 1.028   16.046  8.877   1.00 69.63  ? 80  PHE A CD1 1 
ATOM   518 C  CD2 . PHE A 1 82  ? 0.294   13.784  8.773   1.00 68.85  ? 80  PHE A CD2 1 
ATOM   519 C  CE1 . PHE A 1 82  ? 2.035   15.685  9.738   1.00 71.60  ? 80  PHE A CE1 1 
ATOM   520 C  CE2 . PHE A 1 82  ? 1.298   13.414  9.633   1.00 68.65  ? 80  PHE A CE2 1 
ATOM   521 C  CZ  . PHE A 1 82  ? 2.173   14.364  10.116  1.00 71.03  ? 80  PHE A CZ  1 
ATOM   522 N  N   . GLY A 1 83  ? -3.949  16.120  6.620   1.00 68.80  ? 81  GLY A N   1 
ATOM   523 C  CA  . GLY A 1 83  ? -4.820  16.590  5.555   1.00 65.88  ? 81  GLY A CA  1 
ATOM   524 C  C   . GLY A 1 83  ? -4.117  16.783  4.217   1.00 68.07  ? 81  GLY A C   1 
ATOM   525 O  O   . GLY A 1 83  ? -4.485  17.661  3.429   1.00 68.97  ? 81  GLY A O   1 
ATOM   526 N  N   . LYS A 1 84  ? -3.089  15.977  3.961   1.00 66.29  ? 82  LYS A N   1 
ATOM   527 C  CA  . LYS A 1 84  ? -2.492  15.932  2.636   1.00 63.75  ? 82  LYS A CA  1 
ATOM   528 C  C   . LYS A 1 84  ? -3.054  14.704  1.937   1.00 66.88  ? 82  LYS A C   1 
ATOM   529 O  O   . LYS A 1 84  ? -3.428  13.731  2.592   1.00 65.34  ? 82  LYS A O   1 
ATOM   530 C  CB  . LYS A 1 84  ? -0.968  15.870  2.708   1.00 64.39  ? 82  LYS A CB  1 
ATOM   531 C  CG  . LYS A 1 84  ? -0.330  17.058  3.399   1.00 63.93  ? 82  LYS A CG  1 
ATOM   532 C  CD  . LYS A 1 84  ? -0.604  18.344  2.654   1.00 62.42  ? 82  LYS A CD  1 
ATOM   533 C  CE  . LYS A 1 84  ? -0.091  18.254  1.231   1.00 67.63  ? 82  LYS A CE  1 
ATOM   534 N  NZ  . LYS A 1 84  ? -0.241  19.536  0.492   1.00 65.32  ? 82  LYS A NZ  1 
ATOM   535 N  N   . LYS A 1 85  ? -3.133  14.759  0.611   1.00 69.69  ? 83  LYS A N   1 
ATOM   536 C  CA  . LYS A 1 85  ? -3.773  13.702  -0.174  1.00 69.29  ? 83  LYS A CA  1 
ATOM   537 C  C   . LYS A 1 85  ? -3.059  12.369  0.042   1.00 64.92  ? 83  LYS A C   1 
ATOM   538 O  O   . LYS A 1 85  ? -3.674  11.298  0.089   1.00 61.61  ? 83  LYS A O   1 
ATOM   539 C  CB  . LYS A 1 85  ? -3.776  14.103  -1.656  1.00 68.64  ? 83  LYS A CB  1 
ATOM   540 C  CG  . LYS A 1 85  ? -4.432  13.110  -2.612  1.00 73.57  ? 83  LYS A CG  1 
ATOM   541 C  CD  . LYS A 1 85  ? -5.143  13.836  -3.774  1.00 75.93  ? 83  LYS A CD  1 
ATOM   542 C  CE  . LYS A 1 85  ? -4.197  14.422  -4.822  1.00 73.00  ? 83  LYS A CE  1 
ATOM   543 N  NZ  . LYS A 1 85  ? -4.083  13.551  -6.033  1.00 72.62  ? 83  LYS A NZ  1 
ATOM   544 N  N   . ILE A 1 86  ? -1.747  12.465  0.210   1.00 64.50  ? 84  ILE A N   1 
ATOM   545 C  CA  . ILE A 1 86  ? -0.864  11.309  0.267   1.00 66.48  ? 84  ILE A CA  1 
ATOM   546 C  C   . ILE A 1 86  ? -1.168  10.359  1.422   1.00 63.74  ? 84  ILE A C   1 
ATOM   547 O  O   . ILE A 1 86  ? -0.933  9.150   1.323   1.00 57.91  ? 84  ILE A O   1 
ATOM   548 C  CB  . ILE A 1 86  ? 0.597   11.779  0.349   1.00 61.47  ? 84  ILE A CB  1 
ATOM   549 C  CG1 . ILE A 1 86  ? 1.555   10.591  0.375   1.00 59.42  ? 84  ILE A CG1 1 
ATOM   550 C  CG2 . ILE A 1 86  ? 0.789   12.686  1.543   1.00 61.00  ? 84  ILE A CG2 1 
ATOM   551 C  CD1 . ILE A 1 86  ? 2.991   11.007  0.263   1.00 59.32  ? 84  ILE A CD1 1 
ATOM   552 N  N   . PHE A 1 87  ? -1.707  10.918  2.504   1.00 64.39  ? 85  PHE A N   1 
ATOM   553 C  CA  . PHE A 1 87  ? -1.956  10.174  3.733   1.00 63.83  ? 85  PHE A CA  1 
ATOM   554 C  C   . PHE A 1 87  ? -3.330  9.515   3.738   1.00 68.46  ? 85  PHE A C   1 
ATOM   555 O  O   . PHE A 1 87  ? -3.603  8.620   4.538   1.00 68.46  ? 85  PHE A O   1 
ATOM   556 C  CB  . PHE A 1 87  ? -1.857  11.092  4.956   1.00 61.51  ? 85  PHE A CB  1 
ATOM   557 C  CG  . PHE A 1 87  ? -0.528  11.782  5.109   1.00 66.30  ? 85  PHE A CG  1 
ATOM   558 C  CD1 . PHE A 1 87  ? 0.543   11.133  5.700   1.00 62.31  ? 85  PHE A CD1 1 
ATOM   559 C  CD2 . PHE A 1 87  ? -0.361  13.098  4.695   1.00 70.03  ? 85  PHE A CD2 1 
ATOM   560 C  CE1 . PHE A 1 87  ? 1.756   11.772  5.847   1.00 63.56  ? 85  PHE A CE1 1 
ATOM   561 C  CE2 . PHE A 1 87  ? 0.859   13.744  4.842   1.00 66.60  ? 85  PHE A CE2 1 
ATOM   562 C  CZ  . PHE A 1 87  ? 1.914   13.080  5.416   1.00 63.92  ? 85  PHE A CZ  1 
ATOM   563 N  N   . GLU A 1 88  ? -4.217  9.966   2.866   1.00 68.93  ? 86  GLU A N   1 
ATOM   564 C  CA  . GLU A 1 88  ? -5.553  9.405   2.868   1.00 65.91  ? 86  GLU A CA  1 
ATOM   565 C  C   . GLU A 1 88  ? -5.526  7.975   2.333   1.00 66.75  ? 86  GLU A C   1 
ATOM   566 O  O   . GLU A 1 88  ? -4.867  7.699   1.341   1.00 68.13  ? 86  GLU A O   1 
ATOM   567 C  CB  . GLU A 1 88  ? -6.493  10.326  2.105   1.00 65.52  ? 86  GLU A CB  1 
ATOM   568 C  CG  . GLU A 1 88  ? -6.628  11.658  2.835   1.00 70.64  ? 86  GLU A CG  1 
ATOM   569 C  CD  . GLU A 1 88  ? -7.147  12.799  1.974   1.00 78.15  ? 86  GLU A CD  1 
ATOM   570 O  OE1 . GLU A 1 88  ? -7.209  13.935  2.504   1.00 80.40  ? 86  GLU A OE1 1 
ATOM   571 O  OE2 . GLU A 1 88  ? -7.492  12.573  0.787   1.00 77.76  ? 86  GLU A OE2 1 
ATOM   572 N  N   . PRO A 1 89  ? -6.222  7.054   3.019   1.00 69.10  ? 87  PRO A N   1 
ATOM   573 C  CA  . PRO A 1 89  ? -6.183  5.619   2.708   1.00 67.48  ? 87  PRO A CA  1 
ATOM   574 C  C   . PRO A 1 89  ? -6.835  5.261   1.372   1.00 68.03  ? 87  PRO A C   1 
ATOM   575 O  O   . PRO A 1 89  ? -8.000  5.607   1.132   1.00 66.21  ? 87  PRO A O   1 
ATOM   576 C  CB  . PRO A 1 89  ? -6.993  4.986   3.851   1.00 65.86  ? 87  PRO A CB  1 
ATOM   577 C  CG  . PRO A 1 89  ? -7.132  6.048   4.893   1.00 68.21  ? 87  PRO A CG  1 
ATOM   578 C  CD  . PRO A 1 89  ? -7.096  7.346   4.166   1.00 70.85  ? 87  PRO A CD  1 
ATOM   579 N  N   . ALA A 1 90  ? -6.083  4.555   0.524   1.00 66.54  ? 88  ALA A N   1 
ATOM   580 C  CA  . ALA A 1 90  ? -6.626  3.953   -0.692  1.00 66.86  ? 88  ALA A CA  1 
ATOM   581 C  C   . ALA A 1 90  ? -7.917  3.187   -0.397  1.00 69.20  ? 88  ALA A C   1 
ATOM   582 O  O   . ALA A 1 90  ? -8.058  2.573   0.657   1.00 67.83  ? 88  ALA A O   1 
ATOM   583 C  CB  . ALA A 1 90  ? -5.593  3.028   -1.333  1.00 60.95  ? 88  ALA A CB  1 
ATOM   584 N  N   . LYS A 1 91  ? -8.868  3.227   -1.322  1.00 69.53  ? 89  LYS A N   1 
ATOM   585 C  CA  . LYS A 1 91  ? -10.113 2.488   -1.125  1.00 72.15  ? 89  LYS A CA  1 
ATOM   586 C  C   . LYS A 1 91  ? -9.888  0.966   -1.145  1.00 72.35  ? 89  LYS A C   1 
ATOM   587 O  O   . LYS A 1 91  ? -10.460 0.244   -0.332  1.00 76.68  ? 89  LYS A O   1 
ATOM   588 C  CB  . LYS A 1 91  ? -11.191 2.913   -2.133  1.00 64.71  ? 89  LYS A CB  1 
ATOM   589 C  CG  . LYS A 1 91  ? -11.513 4.407   -2.137  1.00 65.57  ? 89  LYS A CG  1 
ATOM   590 C  CD  . LYS A 1 91  ? -12.325 4.853   -0.934  1.00 65.47  ? 89  LYS A CD  1 
ATOM   591 C  CE  . LYS A 1 91  ? -12.587 6.356   -0.983  1.00 64.03  ? 89  LYS A CE  1 
ATOM   592 N  NZ  . LYS A 1 91  ? -13.295 6.882   0.224   1.00 65.15  ? 89  LYS A NZ  1 
ATOM   593 N  N   . THR A 1 92  ? -9.054  0.482   -2.063  1.00 71.71  ? 90  THR A N   1 
ATOM   594 C  CA  . THR A 1 92  ? -8.634  -0.916  -2.029  1.00 71.56  ? 90  THR A CA  1 
ATOM   595 C  C   . THR A 1 92  ? -8.487  -1.361  -0.574  1.00 76.88  ? 90  THR A C   1 
ATOM   596 O  O   . THR A 1 92  ? -9.063  -2.364  -0.154  1.00 83.40  ? 90  THR A O   1 
ATOM   597 C  CB  . THR A 1 92  ? -7.296  -1.127  -2.763  1.00 66.84  ? 90  THR A CB  1 
ATOM   598 O  OG1 . THR A 1 92  ? -7.508  -1.033  -4.174  1.00 63.05  ? 90  THR A OG1 1 
ATOM   599 C  CG2 . THR A 1 92  ? -6.718  -2.490  -2.442  1.00 72.45  ? 90  THR A CG2 1 
ATOM   600 N  N   . LEU A 1 93  ? -7.734  -0.582  0.196   1.00 75.13  ? 91  LEU A N   1 
ATOM   601 C  CA  . LEU A 1 93  ? -7.495  -0.866  1.608   1.00 76.07  ? 91  LEU A CA  1 
ATOM   602 C  C   . LEU A 1 93  ? -8.722  -0.638  2.484   1.00 81.60  ? 91  LEU A C   1 
ATOM   603 O  O   . LEU A 1 93  ? -9.297  -1.591  3.011   1.00 83.51  ? 91  LEU A O   1 
ATOM   604 C  CB  . LEU A 1 93  ? -6.348  -0.001  2.119   1.00 71.15  ? 91  LEU A CB  1 
ATOM   605 C  CG  . LEU A 1 93  ? -5.076  -0.172  1.298   1.00 70.82  ? 91  LEU A CG  1 
ATOM   606 C  CD1 . LEU A 1 93  ? -4.060  0.903   1.631   1.00 66.65  ? 91  LEU A CD1 1 
ATOM   607 C  CD2 . LEU A 1 93  ? -4.510  -1.554  1.538   1.00 72.54  ? 91  LEU A CD2 1 
ATOM   608 N  N   . LYS A 1 94  ? -9.111  0.628   2.640   1.00 79.10  ? 92  LYS A N   1 
ATOM   609 C  CA  . LYS A 1 94  ? -10.206 1.021   3.530   1.00 79.21  ? 92  LYS A CA  1 
ATOM   610 C  C   . LYS A 1 94  ? -11.433 0.110   3.400   1.00 82.53  ? 92  LYS A C   1 
ATOM   611 O  O   . LYS A 1 94  ? -12.365 0.203   4.205   1.00 85.18  ? 92  LYS A O   1 
ATOM   612 C  CB  . LYS A 1 94  ? -10.585 2.491   3.286   1.00 78.83  ? 92  LYS A CB  1 
ATOM   613 C  CG  . LYS A 1 94  ? -11.504 3.132   4.327   1.00 80.30  ? 92  LYS A CG  1 
ATOM   614 C  CD  . LYS A 1 94  ? -12.196 4.346   3.721   1.00 79.67  ? 92  LYS A CD  1 
ATOM   615 C  CE  . LYS A 1 94  ? -12.434 5.456   4.730   1.00 78.86  ? 92  LYS A CE  1 
ATOM   616 N  NZ  . LYS A 1 94  ? -12.698 6.755   4.033   1.00 80.60  ? 92  LYS A NZ  1 
ATOM   617 N  N   . GLU A 1 95  ? -11.421 -0.772  2.398   1.00 80.42  ? 93  GLU A N   1 
ATOM   618 C  CA  . GLU A 1 95  ? -12.518 -1.705  2.172   1.00 81.81  ? 93  GLU A CA  1 
ATOM   619 C  C   . GLU A 1 95  ? -12.011 -3.128  1.927   1.00 83.12  ? 93  GLU A C   1 
ATOM   620 O  O   . GLU A 1 95  ? -12.704 -3.951  1.338   1.00 83.14  ? 93  GLU A O   1 
ATOM   621 C  CB  . GLU A 1 95  ? -13.399 -1.227  1.014   1.00 82.87  ? 93  GLU A CB  1 
ATOM   622 C  CG  . GLU A 1 95  ? -14.886 -1.102  1.365   1.00 91.79  ? 93  GLU A CG  1 
ATOM   623 C  CD  . GLU A 1 95  ? -15.200 0.116   2.245   1.00 99.35  ? 93  GLU A CD  1 
ATOM   624 O  OE1 . GLU A 1 95  ? -14.338 1.016   2.377   1.00 96.73  ? 93  GLU A OE1 1 
ATOM   625 O  OE2 . GLU A 1 95  ? -16.317 0.179   2.807   1.00 101.30 ? 93  GLU A OE2 1 
ATOM   626 N  N   . GLY A 1 96  ? -10.791 -3.399  2.378   1.00 80.51  ? 94  GLY A N   1 
ATOM   627 C  CA  . GLY A 1 96  ? -10.265 -4.751  2.466   1.00 85.28  ? 94  GLY A CA  1 
ATOM   628 C  C   . GLY A 1 96  ? -10.241 -5.602  1.210   1.00 87.56  ? 94  GLY A C   1 
ATOM   629 O  O   . GLY A 1 96  ? -9.795  -6.752  1.250   1.00 90.48  ? 94  GLY A O   1 
ATOM   630 N  N   . LYS A 1 97  ? -10.713 -5.047  0.096   1.00 88.17  ? 95  LYS A N   1 
ATOM   631 C  CA  . LYS A 1 97  ? -10.746 -5.778  -1.173  1.00 94.25  ? 95  LYS A CA  1 
ATOM   632 C  C   . LYS A 1 97  ? -9.346  -5.963  -1.761  1.00 93.54  ? 95  LYS A C   1 
ATOM   633 O  O   . LYS A 1 97  ? -9.190  -6.104  -2.970  1.00 97.17  ? 95  LYS A O   1 
ATOM   634 C  CB  . LYS A 1 97  ? -11.628 -5.061  -2.211  1.00 95.99  ? 95  LYS A CB  1 
ATOM   635 C  CG  . LYS A 1 97  ? -12.976 -4.553  -1.709  1.00 95.25  ? 95  LYS A CG  1 
ATOM   636 C  CD  . LYS A 1 97  ? -13.014 -3.023  -1.616  1.00 91.62  ? 95  LYS A CD  1 
ATOM   637 C  CE  . LYS A 1 97  ? -13.015 -2.362  -2.997  1.00 96.23  ? 95  LYS A CE  1 
ATOM   638 N  NZ  . LYS A 1 97  ? -13.992 -2.996  -3.942  1.00 105.98 ? 95  LYS A NZ  1 
ATOM   639 N  N   . LEU A 1 98  ? -8.333  -5.964  -0.903  1.00 90.50  ? 96  LEU A N   1 
ATOM   640 C  CA  . LEU A 1 98  ? -6.939  -5.983  -1.342  1.00 92.52  ? 96  LEU A CA  1 
ATOM   641 C  C   . LEU A 1 98  ? -6.637  -7.171  -2.247  1.00 91.23  ? 96  LEU A C   1 
ATOM   642 O  O   . LEU A 1 98  ? -5.944  -7.079  -3.264  1.00 88.82  ? 96  LEU A O   1 
ATOM   643 C  CB  . LEU A 1 98  ? -6.044  -6.057  -0.105  1.00 91.44  ? 96  LEU A CB  1 
ATOM   644 C  CG  . LEU A 1 98  ? -4.540  -5.847  -0.267  1.00 88.98  ? 96  LEU A CG  1 
ATOM   645 C  CD1 . LEU A 1 98  ? -4.242  -4.644  -1.166  1.00 89.00  ? 96  LEU A CD1 1 
ATOM   646 C  CD2 . LEU A 1 98  ? -3.900  -5.677  1.104   1.00 83.01  ? 96  LEU A CD2 1 
ATOM   647 N  N   . GLU A 1 99  ? -7.196  -8.296  -1.853  1.00 90.77  ? 97  GLU A N   1 
ATOM   648 C  CA  . GLU A 1 99  ? -6.786  -9.580  -2.359  1.00 93.55  ? 97  GLU A CA  1 
ATOM   649 C  C   . GLU A 1 99  ? -7.267  -9.767  -3.790  1.00 89.16  ? 97  GLU A C   1 
ATOM   650 O  O   . GLU A 1 99  ? -6.553  -10.299 -4.641  1.00 88.80  ? 97  GLU A O   1 
ATOM   651 C  CB  . GLU A 1 99  ? -7.334  -10.605 -1.377  1.00 99.96  ? 97  GLU A CB  1 
ATOM   652 C  CG  . GLU A 1 99  ? -7.355  -9.941  0.006   1.00 98.51  ? 97  GLU A CG  1 
ATOM   653 C  CD  . GLU A 1 99  ? -7.988  -10.763 1.100   1.00 110.59 ? 97  GLU A CD  1 
ATOM   654 O  OE1 . GLU A 1 99  ? -8.911  -11.551 0.809   1.00 116.19 ? 97  GLU A OE1 1 
ATOM   655 O  OE2 . GLU A 1 99  ? -7.572  -10.601 2.269   1.00 113.84 ? 97  GLU A OE2 1 
ATOM   656 N  N   . GLU A 1 100 ? -8.472  -9.285  -4.059  1.00 93.40  ? 98  GLU A N   1 
ATOM   657 C  CA  . GLU A 1 100 ? -9.020  -9.353  -5.401  1.00 95.59  ? 98  GLU A CA  1 
ATOM   658 C  C   . GLU A 1 100 ? -8.204  -8.441  -6.300  1.00 94.96  ? 98  GLU A C   1 
ATOM   659 O  O   . GLU A 1 100 ? -8.185  -8.620  -7.522  1.00 95.44  ? 98  GLU A O   1 
ATOM   660 C  CB  . GLU A 1 100 ? -10.498 -8.937  -5.413  1.00 97.95  ? 98  GLU A CB  1 
ATOM   661 C  CG  . GLU A 1 100 ? -10.748 -7.564  -4.792  1.00 100.71 ? 98  GLU A CG  1 
ATOM   662 C  CD  . GLU A 1 100 ? -12.139 -6.993  -5.070  1.00 111.54 ? 98  GLU A CD  1 
ATOM   663 O  OE1 . GLU A 1 100 ? -13.122 -7.769  -5.076  1.00 115.07 ? 98  GLU A OE1 1 
ATOM   664 O  OE2 . GLU A 1 100 ? -12.248 -5.757  -5.264  1.00 110.54 ? 98  GLU A OE2 1 
ATOM   665 N  N   . LEU A 1 101 ? -7.526  -7.467  -5.688  1.00 93.57  ? 99  LEU A N   1 
ATOM   666 C  CA  . LEU A 1 101 ? -6.801  -6.445  -6.447  1.00 90.72  ? 99  LEU A CA  1 
ATOM   667 C  C   . LEU A 1 101 ? -5.508  -7.019  -6.993  1.00 93.66  ? 99  LEU A C   1 
ATOM   668 O  O   . LEU A 1 101 ? -5.135  -6.748  -8.137  1.00 95.41  ? 99  LEU A O   1 
ATOM   669 C  CB  . LEU A 1 101 ? -6.512  -5.204  -5.596  1.00 83.29  ? 99  LEU A CB  1 
ATOM   670 C  CG  . LEU A 1 101 ? -6.314  -3.866  -6.326  1.00 81.08  ? 99  LEU A CG  1 
ATOM   671 C  CD1 . LEU A 1 101 ? -5.588  -2.861  -5.438  1.00 74.04  ? 99  LEU A CD1 1 
ATOM   672 C  CD2 . LEU A 1 101 ? -5.565  -4.030  -7.638  1.00 80.69  ? 99  LEU A CD2 1 
ATOM   673 N  N   . LEU A 1 102 ? -4.816  -7.803  -6.173  1.00 93.04  ? 100 LEU A N   1 
ATOM   674 C  CA  . LEU A 1 102 ? -3.645  -8.501  -6.671  1.00 96.18  ? 100 LEU A CA  1 
ATOM   675 C  C   . LEU A 1 102 ? -4.056  -9.287  -7.907  1.00 101.43 ? 100 LEU A C   1 
ATOM   676 O  O   . LEU A 1 102 ? -3.344  -9.279  -8.910  1.00 102.62 ? 100 LEU A O   1 
ATOM   677 C  CB  . LEU A 1 102 ? -3.027  -9.407  -5.604  1.00 96.49  ? 100 LEU A CB  1 
ATOM   678 C  CG  . LEU A 1 102 ? -1.783  -8.822  -4.926  1.00 95.43  ? 100 LEU A CG  1 
ATOM   679 C  CD1 . LEU A 1 102 ? -0.488  -9.223  -5.651  1.00 92.92  ? 100 LEU A CD1 1 
ATOM   680 C  CD2 . LEU A 1 102 ? -1.909  -7.306  -4.811  1.00 90.81  ? 100 LEU A CD2 1 
ATOM   681 N  N   . LYS A 1 103 ? -5.221  -9.931  -7.836  1.00 101.95 ? 101 LYS A N   1 
ATOM   682 C  CA  . LYS A 1 103 ? -5.808  -10.626 -8.985  1.00 102.71 ? 101 LYS A CA  1 
ATOM   683 C  C   . LYS A 1 103 ? -5.724  -9.794  -10.271 1.00 105.68 ? 101 LYS A C   1 
ATOM   684 O  O   . LYS A 1 103 ? -5.317  -10.304 -11.302 1.00 109.14 ? 101 LYS A O   1 
ATOM   685 C  CB  . LYS A 1 103 ? -7.267  -11.009 -8.711  1.00 99.32  ? 101 LYS A CB  1 
ATOM   686 C  CG  . LYS A 1 103 ? -7.482  -11.941 -7.518  1.00 99.95  ? 101 LYS A CG  1 
ATOM   687 C  CD  . LYS A 1 103 ? -8.960  -12.317 -7.376  1.00 97.08  ? 101 LYS A CD  1 
ATOM   688 C  CE  . LYS A 1 103 ? -9.195  -13.324 -6.256  1.00 98.46  ? 101 LYS A CE  1 
ATOM   689 N  NZ  . LYS A 1 103 ? -10.516 -14.011 -6.382  1.00 101.94 ? 101 LYS A NZ  1 
ATOM   690 N  N   . ALA A 1 104 ? -6.096  -8.513  -10.201 1.00 103.96 ? 102 ALA A N   1 
ATOM   691 C  CA  . ALA A 1 104 ? -6.082  -7.619  -11.373 1.00 103.59 ? 102 ALA A CA  1 
ATOM   692 C  C   . ALA A 1 104 ? -4.767  -7.606  -12.167 1.00 109.65 ? 102 ALA A C   1 
ATOM   693 O  O   . ALA A 1 104 ? -4.732  -8.022  -13.330 1.00 111.71 ? 102 ALA A O   1 
ATOM   694 C  CB  . ALA A 1 104 ? -6.464  -6.196  -10.967 1.00 102.30 ? 102 ALA A CB  1 
ATOM   695 N  N   . GLY A 1 105 ? -3.699  -7.108  -11.548 1.00 105.03 ? 103 GLY A N   1 
ATOM   696 C  CA  . GLY A 1 105 ? -2.408  -7.021  -12.210 1.00 102.36 ? 103 GLY A CA  1 
ATOM   697 C  C   . GLY A 1 105 ? -1.759  -8.386  -12.341 1.00 108.38 ? 103 GLY A C   1 
ATOM   698 O  O   . GLY A 1 105 ? -0.961  -8.628  -13.251 1.00 106.26 ? 103 GLY A O   1 
ATOM   699 N  N   . LYS A 1 106 ? -2.113  -9.277  -11.418 1.00 115.22 ? 104 LYS A N   1 
ATOM   700 C  CA  . LYS A 1 106 ? -1.586  -10.645 -11.372 1.00 117.47 ? 104 LYS A CA  1 
ATOM   701 C  C   . LYS A 1 106 ? -2.349  -11.606 -12.298 1.00 120.06 ? 104 LYS A C   1 
ATOM   702 O  O   . LYS A 1 106 ? -1.731  -12.370 -13.038 1.00 124.43 ? 104 LYS A O   1 
ATOM   703 C  CB  . LYS A 1 106 ? -1.600  -11.183 -9.931  1.00 112.13 ? 104 LYS A CB  1 
ATOM   704 C  CG  . LYS A 1 106 ? -0.436  -10.737 -9.039  1.00 106.51 ? 104 LYS A CG  1 
ATOM   705 C  CD  . LYS A 1 106 ? 0.626   -11.822 -8.998  1.00 109.56 ? 104 LYS A CD  1 
ATOM   706 C  CE  . LYS A 1 106 ? 1.112   -12.097 -7.583  1.00 105.84 ? 104 LYS A CE  1 
ATOM   707 N  NZ  . LYS A 1 106 ? 1.589   -13.510 -7.434  1.00 101.38 ? 104 LYS A NZ  1 
ATOM   708 N  N   . ALA A 1 107 ? -3.682  -11.577 -12.248 1.00 117.73 ? 105 ALA A N   1 
ATOM   709 C  CA  . ALA A 1 107 ? -4.506  -12.446 -13.099 1.00 124.07 ? 105 ALA A CA  1 
ATOM   710 C  C   . ALA A 1 107 ? -4.346  -12.141 -14.602 1.00 132.77 ? 105 ALA A C   1 
ATOM   711 O  O   . ALA A 1 107 ? -3.839  -12.985 -15.344 1.00 137.94 ? 105 ALA A O   1 
ATOM   712 C  CB  . ALA A 1 107 ? -5.983  -12.416 -12.675 1.00 111.49 ? 105 ALA A CB  1 
ATOM   713 N  N   . GLU A 1 108 ? -4.770  -10.957 -15.053 1.00 129.66 ? 106 GLU A N   1 
ATOM   714 C  CA  . GLU A 1 108 ? -4.592  -10.563 -16.462 1.00 128.57 ? 106 GLU A CA  1 
ATOM   715 C  C   . GLU A 1 108 ? -4.341  -9.059  -16.665 1.00 123.15 ? 106 GLU A C   1 
ATOM   716 O  O   . GLU A 1 108 ? -5.110  -8.210  -16.207 1.00 117.60 ? 106 GLU A O   1 
ATOM   717 C  CB  . GLU A 1 108 ? -5.767  -11.045 -17.335 1.00 131.23 ? 106 GLU A CB  1 
ATOM   718 C  CG  . GLU A 1 108 ? -5.620  -12.476 -17.912 1.00 134.00 ? 106 GLU A CG  1 
ATOM   719 C  CD  . GLU A 1 108 ? -6.368  -13.556 -17.112 1.00 137.10 ? 106 GLU A CD  1 
ATOM   720 O  OE1 . GLU A 1 108 ? -7.318  -13.216 -16.369 1.00 135.63 ? 106 GLU A OE1 1 
ATOM   721 O  OE2 . GLU A 1 108 ? -6.010  -14.753 -17.237 1.00 138.81 ? 106 GLU A OE2 1 
HETATM 722 S  S   . SO4 B 2 .   ? -2.625  17.811  -1.541  1.00 77.75  ? 201 SO4 A S   1 
HETATM 723 O  O1  . SO4 B 2 .   ? -2.929  17.329  -0.193  1.00 73.55  ? 201 SO4 A O1  1 
HETATM 724 O  O2  . SO4 B 2 .   ? -2.046  19.153  -1.502  1.00 74.66  ? 201 SO4 A O2  1 
HETATM 725 O  O3  . SO4 B 2 .   ? -3.860  17.843  -2.317  1.00 72.70  ? 201 SO4 A O3  1 
HETATM 726 O  O4  . SO4 B 2 .   ? -1.654  16.909  -2.162  1.00 79.11  ? 201 SO4 A O4  1 
HETATM 727 O  O   . HOH C 3 .   ? -8.729  5.094   -3.697  1.00 62.08  ? 202 HOH A O   1 
HETATM 728 O  O   . HOH C 3 .   ? -6.272  5.806   -6.923  1.00 64.60  ? 203 HOH A O   1 
HETATM 729 O  O   . HOH C 3 .   ? 9.238   7.625   16.606  1.00 63.68  ? 204 HOH A O   1 
# 
